data_4X4S
#
_entry.id   4X4S
#
_cell.length_a   111.343
_cell.length_b   216.450
_cell.length_c   58.447
_cell.angle_alpha   90.000
_cell.angle_beta   90.000
_cell.angle_gamma   90.000
#
_symmetry.space_group_name_H-M   'P 21 21 2'
#
loop_
_entity.id
_entity.type
_entity.pdbx_description
1 polymer 'CCA-adding enzyme'
2 polymer 'G70A tRNA minihelix ending in CCACC'
3 non-polymer "CYTIDINE-5'-TRIPHOSPHATE"
4 non-polymer 'MAGNESIUM ION'
5 non-polymer GLYCEROL
6 non-polymer 'D(-)-TARTARIC ACID'
7 non-polymer DI(HYDROXYETHYL)ETHER
#
loop_
_entity_poly.entity_id
_entity_poly.type
_entity_poly.pdbx_seq_one_letter_code
_entity_poly.pdbx_strand_id
1 'polypeptide(L)'
;MKVEEILEKALELVIPDEEEVRKGREAEEELRRRLDELGVEYVFVGSYARNTWLKGSLEIDVFLLFPEEFSKEELRERGL
EIGKAVLDSYEIRYAEHPYVHGVVKGVEVDVVPCYKLKEPKNIKSAVDRTPFHHKWLEGRIKGKENEVRLLKGFLKANGI
YGAEYKVRGFSGYLCELLIVFYGSFLETVKNARRWTRRTVIDVAKGEVRKGEEFFVVDPVDEKRNVAANLSLDNLARFVH
LCREFMEAPSLGFFKPKHPLEIEPERLRKIVEERGTAVFAVKFRKPDIVDDNLYPQLERASRKIFEFLERENFMPLRSAF
KASEEFCYLLFECQIKEISRVFRRMGPQFEDERNVKKFLSRNRAFRPFIENGRWWAFEMRKFTTPEEGVRSYASTHWHTL
GKNVGESIREYFEIISGEKLFKEPVTAELCEMMGVKDSNSSSVDKLAAALEHHHHHH
;
A,C
2 'polyribonucleotide' GGCCGCGGCAGGUUCGAGUCCUGCCGCGAUCGCCACC B,D
#
# COMPACT_ATOMS: atom_id res chain seq x y z
N MET A 1 0.96 -4.38 -50.13
CA MET A 1 0.86 -4.51 -48.65
C MET A 1 0.10 -5.78 -48.25
N LYS A 2 0.22 -6.83 -49.07
CA LYS A 2 -0.27 -8.15 -48.71
C LYS A 2 0.80 -8.86 -47.88
N VAL A 3 0.40 -9.91 -47.15
CA VAL A 3 1.32 -10.63 -46.28
C VAL A 3 2.59 -11.08 -46.99
N GLU A 4 2.48 -11.46 -48.27
CA GLU A 4 3.62 -11.98 -49.00
C GLU A 4 4.40 -10.87 -49.72
N GLU A 5 3.71 -9.81 -50.12
CA GLU A 5 4.35 -8.71 -50.83
C GLU A 5 5.32 -7.98 -49.91
N ILE A 6 5.04 -8.02 -48.61
CA ILE A 6 5.83 -7.31 -47.63
C ILE A 6 7.07 -8.09 -47.27
N LEU A 7 6.94 -9.41 -47.16
CA LEU A 7 8.08 -10.28 -46.90
C LEU A 7 9.06 -10.26 -48.08
N GLU A 8 8.57 -9.86 -49.25
CA GLU A 8 9.44 -9.68 -50.40
C GLU A 8 10.32 -8.45 -50.20
N LYS A 9 9.67 -7.33 -49.86
CA LYS A 9 10.36 -6.06 -49.70
C LYS A 9 11.30 -6.10 -48.49
N ALA A 10 11.00 -6.99 -47.54
CA ALA A 10 11.79 -7.12 -46.33
C ALA A 10 13.03 -7.98 -46.51
N LEU A 11 13.03 -8.83 -47.53
CA LEU A 11 14.21 -9.65 -47.82
C LEU A 11 15.35 -8.77 -48.31
N GLU A 12 15.00 -7.63 -48.88
CA GLU A 12 15.98 -6.70 -49.42
C GLU A 12 16.75 -6.00 -48.30
N LEU A 13 16.28 -6.18 -47.07
CA LEU A 13 16.86 -5.51 -45.91
C LEU A 13 17.70 -6.47 -45.10
N VAL A 14 17.35 -7.75 -45.14
CA VAL A 14 18.01 -8.76 -44.31
C VAL A 14 19.04 -9.60 -45.08
N ILE A 15 18.95 -9.62 -46.40
CA ILE A 15 19.88 -10.40 -47.22
C ILE A 15 21.11 -9.59 -47.58
N PRO A 16 22.32 -10.14 -47.33
CA PRO A 16 23.54 -9.40 -47.68
C PRO A 16 23.72 -9.20 -49.18
N ASP A 17 24.13 -8.01 -49.58
CA ASP A 17 24.43 -7.73 -50.98
C ASP A 17 25.65 -8.52 -51.42
N GLU A 18 25.78 -8.73 -52.73
CA GLU A 18 26.84 -9.57 -53.27
C GLU A 18 28.22 -8.96 -53.09
N GLU A 19 28.26 -7.65 -52.86
CA GLU A 19 29.53 -6.98 -52.64
C GLU A 19 30.07 -7.30 -51.24
N GLU A 20 29.16 -7.54 -50.30
CA GLU A 20 29.54 -7.88 -48.93
C GLU A 20 29.89 -9.36 -48.81
N VAL A 21 29.15 -10.20 -49.51
CA VAL A 21 29.39 -11.64 -49.48
C VAL A 21 30.77 -11.94 -50.03
N ARG A 22 31.10 -11.33 -51.16
CA ARG A 22 32.39 -11.50 -51.78
C ARG A 22 33.50 -11.11 -50.81
N LYS A 23 33.28 -10.03 -50.06
CA LYS A 23 34.23 -9.60 -49.05
C LYS A 23 34.36 -10.65 -47.95
N GLY A 24 33.27 -11.38 -47.71
CA GLY A 24 33.24 -12.39 -46.69
C GLY A 24 33.99 -13.63 -47.12
N ARG A 25 33.73 -14.06 -48.36
CA ARG A 25 34.36 -15.26 -48.89
C ARG A 25 35.86 -15.06 -49.06
N GLU A 26 36.25 -13.83 -49.40
CA GLU A 26 37.66 -13.50 -49.56
C GLU A 26 38.40 -13.58 -48.24
N ALA A 27 37.73 -13.17 -47.17
CA ALA A 27 38.32 -13.24 -45.83
C ALA A 27 38.32 -14.67 -45.32
N GLU A 28 37.30 -15.43 -45.69
CA GLU A 28 37.23 -16.83 -45.33
C GLU A 28 38.35 -17.62 -45.99
N GLU A 29 38.64 -17.28 -47.24
CA GLU A 29 39.68 -17.97 -47.99
C GLU A 29 41.04 -17.70 -47.35
N GLU A 30 41.28 -16.45 -46.98
CA GLU A 30 42.55 -16.08 -46.35
C GLU A 30 42.67 -16.68 -44.96
N LEU A 31 41.55 -16.84 -44.28
CA LEU A 31 41.57 -17.36 -42.92
C LEU A 31 41.98 -18.83 -42.92
N ARG A 32 41.42 -19.60 -43.86
CA ARG A 32 41.79 -20.99 -44.00
C ARG A 32 43.25 -21.13 -44.41
N ARG A 33 43.73 -20.19 -45.21
CA ARG A 33 45.12 -20.18 -45.66
C ARG A 33 46.09 -20.10 -44.49
N ARG A 34 45.80 -19.19 -43.54
CA ARG A 34 46.68 -18.98 -42.40
C ARG A 34 46.51 -20.08 -41.36
N LEU A 35 45.30 -20.58 -41.22
CA LEU A 35 45.00 -21.62 -40.25
C LEU A 35 45.65 -22.94 -40.66
N ASP A 36 45.57 -23.26 -41.96
CA ASP A 36 46.16 -24.49 -42.47
C ASP A 36 47.67 -24.47 -42.32
N GLU A 37 48.24 -23.29 -42.41
CA GLU A 37 49.68 -23.12 -42.28
C GLU A 37 50.16 -23.46 -40.86
N LEU A 38 49.28 -23.31 -39.87
CA LEU A 38 49.62 -23.56 -38.48
C LEU A 38 49.36 -25.00 -38.04
N GLY A 39 48.67 -25.77 -38.87
CA GLY A 39 48.42 -27.17 -38.61
C GLY A 39 47.64 -27.37 -37.32
N VAL A 40 46.54 -26.65 -37.19
CA VAL A 40 45.66 -26.76 -36.04
C VAL A 40 44.30 -27.24 -36.52
N GLU A 41 43.68 -28.10 -35.73
CA GLU A 41 42.36 -28.61 -36.04
C GLU A 41 41.30 -27.57 -35.71
N TYR A 42 40.62 -27.07 -36.72
CA TYR A 42 39.63 -26.01 -36.55
C TYR A 42 38.34 -26.32 -37.30
N VAL A 43 37.32 -25.50 -37.06
CA VAL A 43 36.06 -25.64 -37.74
C VAL A 43 35.35 -24.29 -37.79
N PHE A 44 34.70 -24.02 -38.92
CA PHE A 44 33.90 -22.81 -39.10
C PHE A 44 32.48 -23.07 -38.64
N VAL A 45 31.99 -22.22 -37.73
CA VAL A 45 30.63 -22.33 -37.23
C VAL A 45 29.91 -20.98 -37.29
N GLY A 46 28.70 -20.94 -36.76
CA GLY A 46 27.97 -19.69 -36.65
C GLY A 46 27.11 -19.40 -37.85
N SER A 47 26.64 -18.16 -37.94
CA SER A 47 25.74 -17.76 -39.00
C SER A 47 26.43 -17.68 -40.36
N TYR A 48 27.76 -17.64 -40.36
CA TYR A 48 28.49 -17.52 -41.60
C TYR A 48 28.69 -18.87 -42.27
N ALA A 49 28.92 -19.90 -41.47
CA ALA A 49 29.13 -21.23 -42.00
C ALA A 49 27.82 -21.84 -42.48
N ARG A 50 26.70 -21.18 -42.16
CA ARG A 50 25.38 -21.65 -42.56
C ARG A 50 24.68 -20.66 -43.48
N ASN A 51 25.37 -19.55 -43.78
CA ASN A 51 24.83 -18.52 -44.65
C ASN A 51 23.49 -17.99 -44.14
N THR A 52 23.47 -17.59 -42.88
CA THR A 52 22.27 -17.01 -42.25
C THR A 52 22.59 -15.73 -41.48
N TRP A 53 23.65 -15.02 -41.88
CA TRP A 53 24.02 -13.77 -41.23
C TRP A 53 23.28 -12.62 -41.88
N LEU A 54 22.90 -11.62 -41.07
CA LEU A 54 22.13 -10.49 -41.56
C LEU A 54 22.98 -9.49 -42.32
N LYS A 55 22.34 -8.74 -43.22
CA LYS A 55 23.02 -7.71 -43.99
C LYS A 55 23.62 -6.66 -43.06
N GLY A 56 24.89 -6.33 -43.28
CA GLY A 56 25.55 -5.34 -42.46
C GLY A 56 26.12 -5.90 -41.17
N SER A 57 25.82 -7.16 -40.89
CA SER A 57 26.31 -7.83 -39.68
C SER A 57 27.24 -9.00 -40.00
N LEU A 58 28.21 -8.79 -40.87
CA LEU A 58 29.14 -9.86 -41.24
C LEU A 58 30.16 -10.12 -40.14
N GLU A 59 30.15 -11.33 -39.62
CA GLU A 59 31.14 -11.76 -38.64
C GLU A 59 31.40 -13.26 -38.78
N ILE A 60 32.68 -13.60 -38.95
CA ILE A 60 33.10 -14.98 -39.09
C ILE A 60 33.53 -15.56 -37.76
N ASP A 61 33.09 -16.79 -37.48
CA ASP A 61 33.43 -17.49 -36.24
C ASP A 61 34.23 -18.74 -36.55
N VAL A 62 35.37 -18.88 -35.88
CA VAL A 62 36.26 -20.02 -36.06
C VAL A 62 36.57 -20.66 -34.72
N PHE A 63 36.22 -21.94 -34.59
CA PHE A 63 36.52 -22.68 -33.37
C PHE A 63 37.77 -23.52 -33.54
N LEU A 64 38.64 -23.47 -32.54
CA LEU A 64 39.84 -24.29 -32.51
C LEU A 64 39.61 -25.45 -31.55
N LEU A 65 39.78 -26.67 -32.05
CA LEU A 65 39.50 -27.85 -31.26
C LEU A 65 40.78 -28.43 -30.66
N PHE A 66 40.85 -28.41 -29.33
CA PHE A 66 42.00 -28.92 -28.59
C PHE A 66 41.62 -30.19 -27.84
N PRO A 67 42.64 -30.98 -27.45
CA PRO A 67 42.39 -32.23 -26.70
C PRO A 67 41.60 -32.00 -25.42
N GLU A 68 40.88 -33.03 -24.99
CA GLU A 68 40.07 -32.97 -23.78
C GLU A 68 40.96 -32.81 -22.54
N GLU A 69 42.16 -33.36 -22.61
CA GLU A 69 43.05 -33.44 -21.45
C GLU A 69 43.66 -32.09 -21.07
N PHE A 70 43.58 -31.13 -21.98
CA PHE A 70 44.12 -29.79 -21.75
C PHE A 70 43.47 -29.07 -20.57
N SER A 71 44.31 -28.42 -19.76
CA SER A 71 43.84 -27.59 -18.67
C SER A 71 43.11 -26.37 -19.21
N LYS A 72 42.25 -25.77 -18.40
CA LYS A 72 41.57 -24.55 -18.82
C LYS A 72 42.61 -23.44 -19.04
N GLU A 73 43.74 -23.54 -18.34
CA GLU A 73 44.83 -22.59 -18.51
C GLU A 73 45.55 -22.82 -19.83
N GLU A 74 45.76 -24.09 -20.17
CA GLU A 74 46.44 -24.46 -21.41
C GLU A 74 45.58 -24.14 -22.63
N LEU A 75 44.27 -24.35 -22.50
CA LEU A 75 43.32 -24.03 -23.56
C LEU A 75 43.38 -22.54 -23.91
N ARG A 76 43.42 -21.70 -22.89
CA ARG A 76 43.48 -20.26 -23.07
C ARG A 76 44.79 -19.84 -23.74
N GLU A 77 45.91 -20.26 -23.16
CA GLU A 77 47.23 -19.84 -23.62
C GLU A 77 47.51 -20.27 -25.06
N ARG A 78 46.93 -21.39 -25.47
CA ARG A 78 47.12 -21.90 -26.82
C ARG A 78 46.11 -21.27 -27.77
N GLY A 79 44.89 -21.10 -27.28
CA GLY A 79 43.82 -20.48 -28.06
C GLY A 79 44.17 -19.05 -28.48
N LEU A 80 44.62 -18.26 -27.51
CA LEU A 80 45.00 -16.87 -27.76
C LEU A 80 46.25 -16.79 -28.62
N GLU A 81 47.12 -17.78 -28.51
CA GLU A 81 48.35 -17.82 -29.30
C GLU A 81 48.05 -18.00 -30.79
N ILE A 82 47.17 -18.95 -31.11
CA ILE A 82 46.78 -19.19 -32.49
C ILE A 82 46.02 -17.99 -33.04
N GLY A 83 45.08 -17.47 -32.24
CA GLY A 83 44.26 -16.35 -32.64
C GLY A 83 45.06 -15.16 -33.09
N LYS A 84 46.01 -14.73 -32.25
CA LYS A 84 46.83 -13.57 -32.56
C LYS A 84 47.66 -13.79 -33.83
N ALA A 85 47.99 -15.04 -34.11
CA ALA A 85 48.83 -15.36 -35.27
C ALA A 85 48.06 -15.30 -36.58
N VAL A 86 46.75 -15.49 -36.50
CA VAL A 86 45.91 -15.60 -37.70
C VAL A 86 45.24 -14.28 -38.07
N LEU A 87 45.01 -13.43 -37.08
CA LEU A 87 44.29 -12.17 -37.29
C LEU A 87 45.25 -11.02 -37.60
N ASP A 88 44.82 -10.12 -38.48
CA ASP A 88 45.60 -8.93 -38.81
C ASP A 88 45.75 -8.05 -37.58
N SER A 89 44.62 -7.56 -37.08
CA SER A 89 44.58 -6.84 -35.81
C SER A 89 43.64 -7.58 -34.89
N TYR A 90 43.97 -7.64 -33.60
CA TYR A 90 43.18 -8.39 -32.65
C TYR A 90 42.88 -7.57 -31.39
N GLU A 91 42.00 -8.11 -30.56
CA GLU A 91 41.54 -7.47 -29.34
C GLU A 91 41.03 -8.52 -28.37
N ILE A 92 41.69 -8.64 -27.23
CA ILE A 92 41.33 -9.67 -26.26
C ILE A 92 40.58 -9.02 -25.11
N ARG A 93 39.26 -9.27 -25.07
CA ARG A 93 38.41 -8.73 -24.02
C ARG A 93 37.18 -9.63 -23.92
N TYR A 94 37.12 -10.41 -22.84
CA TYR A 94 36.04 -11.39 -22.65
C TYR A 94 35.61 -11.42 -21.19
N ALA A 95 34.53 -12.15 -20.91
CA ALA A 95 33.95 -12.17 -19.58
C ALA A 95 34.40 -13.39 -18.77
N GLU A 96 34.33 -14.56 -19.39
CA GLU A 96 34.70 -15.82 -18.72
C GLU A 96 35.46 -16.73 -19.67
N HIS A 97 34.81 -17.14 -20.76
CA HIS A 97 35.45 -18.02 -21.72
C HIS A 97 36.37 -17.20 -22.63
N PRO A 98 37.67 -17.56 -22.68
CA PRO A 98 38.62 -16.77 -23.47
C PRO A 98 38.41 -16.90 -24.98
N TYR A 99 38.67 -15.83 -25.72
CA TYR A 99 38.66 -15.88 -27.17
C TYR A 99 39.32 -14.63 -27.72
N VAL A 100 39.49 -14.57 -29.04
CA VAL A 100 40.16 -13.46 -29.68
C VAL A 100 39.27 -12.83 -30.74
N HIS A 101 38.88 -11.58 -30.52
CA HIS A 101 38.15 -10.79 -31.50
C HIS A 101 39.15 -10.01 -32.35
N GLY A 102 38.96 -10.00 -33.66
CA GLY A 102 39.87 -9.27 -34.52
C GLY A 102 39.36 -9.04 -35.92
N VAL A 103 40.30 -8.82 -36.83
CA VAL A 103 39.98 -8.48 -38.21
C VAL A 103 40.86 -9.29 -39.15
N VAL A 104 40.30 -9.68 -40.30
CA VAL A 104 41.08 -10.34 -41.36
C VAL A 104 40.58 -9.85 -42.72
N LYS A 105 41.39 -9.04 -43.38
CA LYS A 105 41.02 -8.42 -44.65
C LYS A 105 39.72 -7.63 -44.54
N GLY A 106 39.49 -7.06 -43.36
CA GLY A 106 38.42 -6.11 -43.16
C GLY A 106 37.10 -6.65 -42.64
N VAL A 107 37.07 -7.94 -42.30
CA VAL A 107 35.85 -8.53 -41.76
C VAL A 107 36.05 -8.92 -40.30
N GLU A 108 34.95 -8.93 -39.53
CA GLU A 108 34.99 -9.31 -38.13
C GLU A 108 35.20 -10.81 -37.98
N VAL A 109 36.23 -11.20 -37.22
CA VAL A 109 36.54 -12.60 -37.00
C VAL A 109 36.71 -12.89 -35.51
N ASP A 110 36.15 -14.02 -35.08
CA ASP A 110 36.30 -14.50 -33.70
C ASP A 110 36.93 -15.89 -33.67
N VAL A 111 38.10 -15.99 -33.03
CA VAL A 111 38.79 -17.27 -32.92
C VAL A 111 38.61 -17.83 -31.52
N VAL A 112 37.72 -18.82 -31.39
CA VAL A 112 37.32 -19.33 -30.08
C VAL A 112 37.96 -20.70 -29.79
N PRO A 113 38.64 -20.85 -28.65
CA PRO A 113 39.16 -22.16 -28.28
C PRO A 113 38.09 -23.03 -27.62
N CYS A 114 38.12 -24.32 -27.88
CA CYS A 114 37.16 -25.25 -27.27
C CYS A 114 37.75 -26.64 -27.27
N TYR A 115 37.04 -27.57 -26.63
CA TYR A 115 37.47 -28.95 -26.55
C TYR A 115 36.87 -29.81 -27.66
N LYS A 116 37.69 -30.67 -28.25
CA LYS A 116 37.19 -31.62 -29.24
C LYS A 116 36.50 -32.78 -28.54
N LEU A 117 35.21 -32.63 -28.29
CA LEU A 117 34.44 -33.64 -27.59
C LEU A 117 33.78 -34.62 -28.54
N LYS A 118 33.48 -35.81 -28.02
CA LYS A 118 32.59 -36.76 -28.66
C LYS A 118 31.38 -36.92 -27.76
N GLU A 119 30.19 -36.68 -28.31
CA GLU A 119 28.95 -36.57 -27.53
C GLU A 119 29.03 -35.42 -26.53
N PRO A 120 28.26 -34.35 -26.76
CA PRO A 120 28.30 -33.18 -25.89
C PRO A 120 27.27 -33.23 -24.76
N LYS A 121 27.38 -34.23 -23.90
CA LYS A 121 26.47 -34.36 -22.78
C LYS A 121 26.96 -33.53 -21.60
N ASN A 122 28.11 -33.90 -21.05
CA ASN A 122 28.72 -33.15 -19.97
C ASN A 122 29.87 -32.27 -20.46
N ILE A 123 29.50 -31.20 -21.16
CA ILE A 123 30.46 -30.20 -21.66
C ILE A 123 31.42 -29.72 -20.59
N LYS A 124 32.63 -29.37 -21.01
CA LYS A 124 33.70 -28.94 -20.10
C LYS A 124 33.81 -27.41 -20.10
N SER A 125 33.72 -26.83 -21.29
CA SER A 125 33.64 -25.38 -21.44
C SER A 125 32.20 -25.01 -21.75
N ALA A 126 31.91 -23.72 -21.82
CA ALA A 126 30.56 -23.25 -22.11
C ALA A 126 30.23 -23.36 -23.60
N VAL A 127 31.27 -23.29 -24.43
CA VAL A 127 31.11 -23.19 -25.88
C VAL A 127 31.34 -24.50 -26.60
N ASP A 128 31.38 -25.60 -25.87
CA ASP A 128 31.68 -26.90 -26.47
C ASP A 128 30.51 -27.47 -27.25
N ARG A 129 29.35 -26.83 -27.13
CA ARG A 129 28.16 -27.29 -27.85
C ARG A 129 28.09 -26.73 -29.26
N THR A 130 28.87 -25.68 -29.52
CA THR A 130 28.72 -24.93 -30.76
C THR A 130 29.08 -25.70 -32.03
N PRO A 131 30.15 -26.51 -31.98
CA PRO A 131 30.41 -27.35 -33.16
C PRO A 131 29.29 -28.36 -33.40
N PHE A 132 28.75 -28.91 -32.30
CA PHE A 132 27.65 -29.86 -32.38
C PHE A 132 26.36 -29.20 -32.83
N HIS A 133 26.23 -27.90 -32.58
CA HIS A 133 25.09 -27.14 -33.05
C HIS A 133 25.15 -27.01 -34.57
N HIS A 134 26.35 -26.76 -35.09
CA HIS A 134 26.55 -26.59 -36.51
C HIS A 134 26.37 -27.91 -37.25
N LYS A 135 26.77 -29.01 -36.62
CA LYS A 135 26.68 -30.33 -37.25
C LYS A 135 25.22 -30.76 -37.39
N TRP A 136 24.40 -30.38 -36.41
CA TRP A 136 22.99 -30.75 -36.37
C TRP A 136 22.17 -29.90 -37.33
N LEU A 137 22.62 -28.68 -37.57
CA LEU A 137 21.83 -27.68 -38.27
C LEU A 137 22.14 -27.58 -39.76
N GLU A 138 23.36 -27.89 -40.15
CA GLU A 138 23.80 -27.70 -41.53
C GLU A 138 22.94 -28.45 -42.55
N GLY A 139 22.50 -29.66 -42.19
CA GLY A 139 21.74 -30.48 -43.09
C GLY A 139 20.26 -30.14 -43.14
N ARG A 140 19.77 -29.52 -42.06
CA ARG A 140 18.34 -29.25 -41.91
C ARG A 140 17.97 -27.81 -42.25
N ILE A 141 18.94 -26.91 -42.17
CA ILE A 141 18.68 -25.50 -42.39
C ILE A 141 18.82 -25.13 -43.87
N LYS A 142 19.33 -26.07 -44.67
CA LYS A 142 19.57 -25.80 -46.07
C LYS A 142 18.27 -25.45 -46.79
N GLY A 143 18.29 -24.34 -47.52
CA GLY A 143 17.14 -23.87 -48.25
C GLY A 143 16.35 -22.83 -47.47
N LYS A 144 16.45 -22.91 -46.15
CA LYS A 144 15.70 -22.03 -45.26
C LYS A 144 16.56 -20.89 -44.73
N GLU A 145 17.64 -20.56 -45.43
CA GLU A 145 18.55 -19.53 -44.96
C GLU A 145 17.88 -18.16 -44.84
N ASN A 146 17.05 -17.80 -45.81
CA ASN A 146 16.40 -16.49 -45.80
C ASN A 146 15.24 -16.42 -44.81
N GLU A 147 14.67 -17.58 -44.47
CA GLU A 147 13.61 -17.63 -43.48
C GLU A 147 14.16 -17.30 -42.10
N VAL A 148 15.44 -17.57 -41.89
CA VAL A 148 16.11 -17.20 -40.65
C VAL A 148 16.40 -15.70 -40.64
N ARG A 149 16.89 -15.20 -41.77
CA ARG A 149 17.25 -13.79 -41.89
C ARG A 149 16.02 -12.90 -41.74
N LEU A 150 14.84 -13.41 -42.04
CA LEU A 150 13.62 -12.65 -41.84
C LEU A 150 13.30 -12.57 -40.36
N LEU A 151 13.55 -13.66 -39.65
CA LEU A 151 13.26 -13.73 -38.22
C LEU A 151 14.29 -12.93 -37.43
N LYS A 152 15.55 -13.03 -37.82
CA LYS A 152 16.61 -12.28 -37.15
C LYS A 152 16.44 -10.78 -37.35
N GLY A 153 16.08 -10.38 -38.56
CA GLY A 153 15.91 -8.98 -38.87
C GLY A 153 14.66 -8.41 -38.22
N PHE A 154 13.64 -9.25 -38.12
CA PHE A 154 12.39 -8.87 -37.49
C PHE A 154 12.60 -8.56 -36.02
N LEU A 155 13.47 -9.33 -35.39
CA LEU A 155 13.77 -9.15 -33.97
C LEU A 155 14.73 -8.00 -33.74
N LYS A 156 15.77 -7.94 -34.58
CA LYS A 156 16.77 -6.89 -34.44
C LYS A 156 16.16 -5.50 -34.64
N ALA A 157 15.12 -5.44 -35.47
CA ALA A 157 14.46 -4.17 -35.76
C ALA A 157 13.62 -3.72 -34.57
N ASN A 158 13.27 -4.66 -33.70
CA ASN A 158 12.50 -4.35 -32.50
C ASN A 158 13.35 -4.52 -31.24
N GLY A 159 14.67 -4.57 -31.43
CA GLY A 159 15.62 -4.58 -30.34
C GLY A 159 15.51 -5.71 -29.34
N ILE A 160 15.16 -6.91 -29.82
CA ILE A 160 15.11 -8.08 -28.96
C ILE A 160 15.85 -9.26 -29.60
N TYR A 161 16.81 -8.93 -30.46
CA TYR A 161 17.70 -9.93 -31.03
C TYR A 161 19.00 -9.92 -30.24
N GLY A 162 19.41 -11.09 -29.74
CA GLY A 162 20.63 -11.24 -28.96
C GLY A 162 20.32 -11.87 -27.61
N ALA A 163 21.17 -12.79 -27.17
CA ALA A 163 21.00 -13.43 -25.87
C ALA A 163 21.82 -12.75 -24.78
N GLU A 164 22.66 -11.79 -25.16
CA GLU A 164 23.51 -11.08 -24.21
C GLU A 164 22.68 -10.38 -23.15
N TYR A 165 23.29 -10.08 -22.00
CA TYR A 165 22.58 -9.47 -20.88
C TYR A 165 22.18 -8.03 -21.16
N LYS A 166 22.74 -7.45 -22.22
CA LYS A 166 22.33 -6.12 -22.65
C LYS A 166 20.97 -6.18 -23.33
N VAL A 167 20.57 -7.39 -23.73
CA VAL A 167 19.36 -7.57 -24.54
C VAL A 167 18.35 -8.53 -23.90
N ARG A 168 18.84 -9.68 -23.45
CA ARG A 168 17.98 -10.75 -22.93
C ARG A 168 16.92 -11.12 -23.97
N GLY A 169 17.36 -11.39 -25.20
CA GLY A 169 16.47 -11.73 -26.29
C GLY A 169 16.74 -13.11 -26.88
N PHE A 170 16.49 -13.23 -28.18
CA PHE A 170 16.62 -14.49 -28.89
C PHE A 170 18.02 -14.65 -29.47
N SER A 171 18.75 -15.69 -29.04
CA SER A 171 20.05 -15.98 -29.62
C SER A 171 19.87 -16.33 -31.09
N GLY A 172 20.90 -16.10 -31.90
CA GLY A 172 20.84 -16.40 -33.31
C GLY A 172 20.62 -17.87 -33.59
N TYR A 173 21.03 -18.71 -32.65
CA TYR A 173 20.86 -20.16 -32.78
C TYR A 173 19.43 -20.56 -32.46
N LEU A 174 18.82 -19.85 -31.53
CA LEU A 174 17.41 -20.06 -31.21
C LEU A 174 16.53 -19.77 -32.42
N CYS A 175 16.91 -18.75 -33.19
CA CYS A 175 16.15 -18.37 -34.38
C CYS A 175 16.15 -19.46 -35.43
N GLU A 176 17.32 -20.06 -35.64
CA GLU A 176 17.46 -21.13 -36.62
C GLU A 176 16.65 -22.35 -36.23
N LEU A 177 16.67 -22.70 -34.93
CA LEU A 177 15.90 -23.82 -34.43
C LEU A 177 14.40 -23.62 -34.64
N LEU A 178 13.95 -22.37 -34.54
CA LEU A 178 12.53 -22.07 -34.72
C LEU A 178 12.12 -22.25 -36.16
N ILE A 179 13.01 -21.93 -37.10
CA ILE A 179 12.72 -22.08 -38.51
C ILE A 179 12.69 -23.56 -38.90
N VAL A 180 13.55 -24.36 -38.28
CA VAL A 180 13.55 -25.79 -38.52
C VAL A 180 12.29 -26.42 -37.96
N PHE A 181 11.74 -25.83 -36.90
CA PHE A 181 10.59 -26.39 -36.23
C PHE A 181 9.27 -26.01 -36.89
N TYR A 182 9.23 -24.84 -37.53
CA TYR A 182 8.01 -24.32 -38.14
C TYR A 182 8.11 -24.23 -39.66
N GLY A 183 9.33 -24.17 -40.17
CA GLY A 183 9.56 -24.22 -41.61
C GLY A 183 9.79 -22.87 -42.24
N SER A 184 9.07 -21.86 -41.76
CA SER A 184 9.17 -20.53 -42.35
C SER A 184 9.04 -19.45 -41.29
N PHE A 185 9.43 -18.23 -41.65
CA PHE A 185 9.25 -17.08 -40.79
C PHE A 185 7.77 -16.88 -40.51
N LEU A 186 6.97 -17.00 -41.56
CA LEU A 186 5.52 -16.80 -41.45
C LEU A 186 4.89 -17.80 -40.49
N GLU A 187 5.33 -19.06 -40.56
CA GLU A 187 4.79 -20.09 -39.68
C GLU A 187 5.25 -19.92 -38.23
N THR A 188 6.39 -19.27 -38.03
CA THR A 188 6.85 -19.02 -36.67
C THR A 188 5.99 -17.94 -36.05
N VAL A 189 5.73 -16.87 -36.80
CA VAL A 189 4.91 -15.76 -36.33
C VAL A 189 3.48 -16.22 -36.02
N LYS A 190 2.88 -17.00 -36.93
CA LYS A 190 1.52 -17.49 -36.74
C LYS A 190 1.39 -18.27 -35.44
N ASN A 191 2.33 -19.17 -35.18
CA ASN A 191 2.28 -20.03 -34.01
C ASN A 191 2.77 -19.33 -32.74
N ALA A 192 3.62 -18.33 -32.91
CA ALA A 192 4.16 -17.59 -31.78
C ALA A 192 3.07 -16.85 -31.01
N ARG A 193 2.00 -16.47 -31.72
CA ARG A 193 0.92 -15.70 -31.13
C ARG A 193 0.28 -16.38 -29.91
N ARG A 194 0.32 -17.70 -29.91
CA ARG A 194 -0.32 -18.48 -28.85
C ARG A 194 0.71 -19.19 -27.95
N TRP A 195 1.93 -18.68 -27.95
CA TRP A 195 2.91 -19.09 -26.95
C TRP A 195 2.45 -18.55 -25.60
N THR A 196 2.93 -19.16 -24.52
CA THR A 196 2.69 -18.65 -23.19
C THR A 196 4.00 -18.75 -22.44
N ARG A 197 3.98 -18.40 -21.16
CA ARG A 197 5.18 -18.47 -20.35
C ARG A 197 5.49 -19.91 -19.92
N ARG A 198 4.67 -20.84 -20.38
CA ARG A 198 4.81 -22.25 -20.04
C ARG A 198 5.21 -23.09 -21.26
N THR A 199 5.26 -22.45 -22.42
CA THR A 199 5.54 -23.17 -23.67
C THR A 199 6.89 -23.87 -23.67
N VAL A 200 6.88 -25.15 -24.02
CA VAL A 200 8.10 -25.91 -24.22
C VAL A 200 8.17 -26.38 -25.66
N ILE A 201 9.26 -26.02 -26.35
CA ILE A 201 9.44 -26.39 -27.74
C ILE A 201 10.62 -27.34 -27.87
N ASP A 202 10.32 -28.64 -27.91
CA ASP A 202 11.34 -29.66 -28.07
C ASP A 202 11.54 -29.95 -29.55
N VAL A 203 12.57 -29.35 -30.14
CA VAL A 203 12.80 -29.48 -31.57
C VAL A 203 13.20 -30.91 -31.92
N ALA A 204 13.92 -31.55 -31.01
CA ALA A 204 14.43 -32.90 -31.24
C ALA A 204 13.31 -33.94 -31.37
N LYS A 205 12.16 -33.65 -30.78
CA LYS A 205 11.03 -34.59 -30.75
C LYS A 205 9.85 -34.10 -31.60
N GLY A 206 10.00 -32.94 -32.22
CA GLY A 206 8.94 -32.36 -33.03
C GLY A 206 7.68 -32.16 -32.21
N GLU A 207 7.87 -31.81 -30.94
CA GLU A 207 6.76 -31.73 -29.99
C GLU A 207 6.68 -30.36 -29.32
N VAL A 208 5.45 -29.91 -29.08
CA VAL A 208 5.18 -28.73 -28.26
C VAL A 208 4.41 -29.20 -27.02
N ARG A 209 4.98 -28.98 -25.85
CA ARG A 209 4.35 -29.42 -24.61
C ARG A 209 4.33 -28.29 -23.57
N LYS A 210 3.74 -28.57 -22.42
CA LYS A 210 3.61 -27.59 -21.36
C LYS A 210 4.69 -27.86 -20.32
N GLY A 211 5.16 -26.80 -19.66
CA GLY A 211 6.23 -26.96 -18.68
C GLY A 211 6.23 -25.91 -17.59
N GLU A 212 7.35 -25.82 -16.88
CA GLU A 212 7.47 -24.92 -15.74
C GLU A 212 7.78 -23.50 -16.19
N GLU A 213 8.55 -23.38 -17.27
CA GLU A 213 8.91 -22.09 -17.83
C GLU A 213 9.04 -22.18 -19.34
N PHE A 214 9.26 -21.05 -20.00
CA PHE A 214 9.53 -21.07 -21.44
C PHE A 214 10.85 -21.78 -21.66
N PHE A 215 10.81 -22.82 -22.49
CA PHE A 215 11.92 -23.74 -22.61
C PHE A 215 12.00 -24.32 -24.01
N VAL A 216 12.96 -23.84 -24.79
CA VAL A 216 13.27 -24.42 -26.09
C VAL A 216 14.39 -25.44 -25.90
N VAL A 217 14.06 -26.72 -26.00
CA VAL A 217 15.02 -27.78 -25.69
C VAL A 217 16.08 -27.88 -26.77
N ASP A 218 17.33 -27.93 -26.35
CA ASP A 218 18.46 -28.03 -27.28
C ASP A 218 18.53 -29.44 -27.85
N PRO A 219 18.46 -29.58 -29.19
CA PRO A 219 18.58 -30.91 -29.78
C PRO A 219 19.83 -31.64 -29.34
N VAL A 220 20.88 -30.89 -29.08
CA VAL A 220 22.19 -31.43 -28.74
C VAL A 220 22.28 -31.83 -27.27
N ASP A 221 21.48 -31.18 -26.43
CA ASP A 221 21.44 -31.49 -24.99
C ASP A 221 20.06 -31.19 -24.45
N GLU A 222 19.32 -32.23 -24.11
CA GLU A 222 17.93 -32.08 -23.69
C GLU A 222 17.79 -31.39 -22.33
N LYS A 223 18.90 -31.17 -21.65
CA LYS A 223 18.90 -30.47 -20.36
C LYS A 223 19.09 -28.97 -20.57
N ARG A 224 19.60 -28.59 -21.73
CA ARG A 224 19.91 -27.19 -22.02
C ARG A 224 18.71 -26.43 -22.57
N ASN A 225 18.47 -25.25 -22.02
CA ASN A 225 17.46 -24.34 -22.53
C ASN A 225 18.10 -23.31 -23.44
N VAL A 226 17.83 -23.40 -24.73
CA VAL A 226 18.42 -22.47 -25.69
C VAL A 226 17.94 -21.05 -25.42
N ALA A 227 16.70 -20.93 -24.93
CA ALA A 227 16.07 -19.65 -24.64
C ALA A 227 16.15 -19.32 -23.16
N ALA A 228 17.27 -19.68 -22.54
CA ALA A 228 17.42 -19.55 -21.10
C ALA A 228 17.44 -18.09 -20.66
N ASN A 229 18.06 -17.25 -21.46
CA ASN A 229 18.26 -15.84 -21.09
C ASN A 229 17.23 -14.91 -21.73
N LEU A 230 16.23 -15.48 -22.39
CA LEU A 230 15.11 -14.70 -22.91
C LEU A 230 14.21 -14.29 -21.76
N SER A 231 14.19 -13.00 -21.44
CA SER A 231 13.37 -12.50 -20.36
C SER A 231 11.88 -12.69 -20.65
N LEU A 232 11.08 -12.74 -19.60
CA LEU A 232 9.64 -12.90 -19.76
C LEU A 232 9.04 -11.73 -20.51
N ASP A 233 9.58 -10.54 -20.26
CA ASP A 233 9.04 -9.33 -20.90
C ASP A 233 9.34 -9.30 -22.39
N ASN A 234 10.56 -9.65 -22.78
CA ASN A 234 10.93 -9.68 -24.18
C ASN A 234 10.22 -10.82 -24.90
N LEU A 235 9.94 -11.89 -24.17
CA LEU A 235 9.12 -12.97 -24.71
C LEU A 235 7.75 -12.40 -25.06
N ALA A 236 7.19 -11.62 -24.14
CA ALA A 236 5.89 -11.00 -24.34
C ALA A 236 5.92 -9.99 -25.49
N ARG A 237 6.96 -9.15 -25.50
CA ARG A 237 7.10 -8.14 -26.54
C ARG A 237 7.12 -8.79 -27.93
N PHE A 238 7.64 -10.01 -28.01
CA PHE A 238 7.69 -10.75 -29.27
C PHE A 238 6.30 -11.26 -29.67
N VAL A 239 5.63 -11.91 -28.74
CA VAL A 239 4.27 -12.40 -28.96
C VAL A 239 3.33 -11.27 -29.37
N HIS A 240 3.49 -10.11 -28.72
CA HIS A 240 2.66 -8.95 -29.02
C HIS A 240 2.90 -8.47 -30.44
N LEU A 241 4.17 -8.48 -30.85
CA LEU A 241 4.53 -8.04 -32.19
C LEU A 241 3.95 -8.96 -33.27
N CYS A 242 3.94 -10.26 -32.99
CA CYS A 242 3.42 -11.26 -33.93
C CYS A 242 1.92 -11.09 -34.15
N ARG A 243 1.19 -10.85 -33.07
CA ARG A 243 -0.25 -10.64 -33.15
C ARG A 243 -0.56 -9.37 -33.91
N GLU A 244 0.23 -8.33 -33.64
CA GLU A 244 0.10 -7.06 -34.33
C GLU A 244 0.39 -7.21 -35.82
N PHE A 245 1.37 -8.03 -36.16
CA PHE A 245 1.83 -8.18 -37.53
C PHE A 245 0.82 -8.93 -38.39
N MET A 246 0.29 -10.03 -37.87
CA MET A 246 -0.70 -10.81 -38.60
C MET A 246 -2.00 -10.03 -38.74
N GLU A 247 -2.30 -9.21 -37.73
CA GLU A 247 -3.50 -8.38 -37.73
C GLU A 247 -3.38 -7.24 -38.75
N ALA A 248 -2.16 -6.79 -39.00
CA ALA A 248 -1.93 -5.67 -39.90
C ALA A 248 -0.46 -5.61 -40.32
N PRO A 249 -0.08 -6.45 -41.29
CA PRO A 249 1.30 -6.52 -41.77
C PRO A 249 1.83 -5.21 -42.34
N SER A 250 3.12 -4.98 -42.17
CA SER A 250 3.76 -3.78 -42.69
C SER A 250 5.26 -4.02 -42.80
N LEU A 251 5.93 -3.16 -43.58
CA LEU A 251 7.38 -3.27 -43.72
C LEU A 251 8.09 -2.61 -42.55
N GLY A 252 7.36 -1.78 -41.81
CA GLY A 252 7.93 -1.03 -40.70
C GLY A 252 8.37 -1.92 -39.56
N PHE A 253 7.84 -3.14 -39.53
CA PHE A 253 8.21 -4.12 -38.51
C PHE A 253 9.66 -4.57 -38.65
N PHE A 254 10.26 -4.27 -39.80
CA PHE A 254 11.63 -4.65 -40.09
C PHE A 254 12.55 -3.43 -40.14
N LYS A 255 11.96 -2.23 -40.11
CA LYS A 255 12.75 -1.00 -40.11
C LYS A 255 13.22 -0.68 -38.69
N PRO A 256 14.55 -0.58 -38.49
CA PRO A 256 15.05 -0.21 -37.16
C PRO A 256 14.64 1.19 -36.70
N LYS A 257 13.99 1.26 -35.55
CA LYS A 257 13.54 2.54 -35.01
C LYS A 257 14.66 3.19 -34.21
N HIS A 258 14.90 4.48 -34.46
CA HIS A 258 15.89 5.23 -33.72
C HIS A 258 15.25 6.38 -32.92
N PRO A 259 15.87 6.80 -31.80
CA PRO A 259 15.29 7.86 -30.98
C PRO A 259 15.28 9.22 -31.66
N LEU A 260 14.47 10.14 -31.14
CA LEU A 260 14.42 11.52 -31.62
C LEU A 260 14.92 12.47 -30.54
N GLU A 261 15.68 13.48 -30.95
CA GLU A 261 16.11 14.52 -30.03
C GLU A 261 14.88 15.24 -29.50
N ILE A 262 14.66 15.11 -28.20
CA ILE A 262 13.54 15.77 -27.54
C ILE A 262 14.06 17.06 -26.91
N GLU A 263 13.30 18.15 -27.05
CA GLU A 263 13.72 19.42 -26.47
C GLU A 263 13.74 19.30 -24.95
N PRO A 264 14.72 19.94 -24.30
CA PRO A 264 14.73 19.93 -22.83
C PRO A 264 13.54 20.69 -22.25
N GLU A 265 12.92 21.50 -23.08
CA GLU A 265 11.73 22.25 -22.67
C GLU A 265 10.50 21.36 -22.75
N ARG A 266 10.35 20.62 -23.85
CA ARG A 266 9.22 19.71 -24.02
C ARG A 266 9.23 18.65 -22.94
N LEU A 267 10.42 18.20 -22.57
CA LEU A 267 10.57 17.18 -21.56
C LEU A 267 10.21 17.72 -20.17
N ARG A 268 10.57 18.98 -19.90
CA ARG A 268 10.23 19.62 -18.63
C ARG A 268 8.72 19.77 -18.49
N LYS A 269 8.03 20.00 -19.61
CA LYS A 269 6.58 20.10 -19.62
C LYS A 269 5.92 18.76 -19.36
N ILE A 270 6.49 17.70 -19.92
CA ILE A 270 5.93 16.36 -19.75
C ILE A 270 6.02 15.90 -18.30
N VAL A 271 7.13 16.21 -17.64
CA VAL A 271 7.32 15.77 -16.26
C VAL A 271 6.42 16.59 -15.35
N GLU A 272 6.26 17.87 -15.66
CA GLU A 272 5.41 18.77 -14.90
C GLU A 272 3.95 18.35 -15.02
N GLU A 273 3.57 17.99 -16.25
CA GLU A 273 2.21 17.53 -16.55
C GLU A 273 1.86 16.28 -15.75
N ARG A 274 2.90 15.52 -15.38
CA ARG A 274 2.73 14.28 -14.63
C ARG A 274 2.81 14.53 -13.12
N GLY A 275 3.61 15.52 -12.74
CA GLY A 275 3.76 15.89 -11.35
C GLY A 275 4.50 14.84 -10.55
N THR A 276 5.39 14.10 -11.20
CA THR A 276 6.16 13.05 -10.56
C THR A 276 7.57 13.52 -10.24
N ALA A 277 8.22 12.83 -9.30
CA ALA A 277 9.62 13.08 -8.97
C ALA A 277 10.50 12.27 -9.90
N VAL A 278 11.18 12.96 -10.82
CA VAL A 278 12.08 12.31 -11.75
C VAL A 278 13.52 12.72 -11.44
N PHE A 279 14.33 11.74 -11.07
CA PHE A 279 15.72 11.98 -10.71
C PHE A 279 16.60 10.82 -11.16
N ALA A 280 17.90 11.03 -11.14
CA ALA A 280 18.85 10.04 -11.64
C ALA A 280 20.08 9.97 -10.75
N VAL A 281 20.66 8.77 -10.65
CA VAL A 281 21.90 8.55 -9.93
C VAL A 281 23.03 8.46 -10.95
N LYS A 282 23.99 9.37 -10.86
CA LYS A 282 25.09 9.44 -11.82
C LYS A 282 26.40 9.02 -11.15
N PHE A 283 27.15 8.13 -11.79
CA PHE A 283 28.44 7.70 -11.27
C PHE A 283 29.35 7.26 -12.40
N ARG A 284 30.64 7.14 -12.11
CA ARG A 284 31.61 6.72 -13.12
C ARG A 284 31.30 5.31 -13.60
N LYS A 285 31.34 5.09 -14.91
CA LYS A 285 31.18 3.75 -15.48
C LYS A 285 32.35 2.88 -15.07
N PRO A 286 32.09 1.76 -14.38
CA PRO A 286 33.22 0.87 -14.11
C PRO A 286 33.77 0.32 -15.42
N ASP A 287 35.10 0.23 -15.53
CA ASP A 287 35.73 -0.26 -16.75
C ASP A 287 35.65 -1.77 -16.82
N ILE A 288 34.48 -2.28 -17.15
CA ILE A 288 34.25 -3.73 -17.27
C ILE A 288 33.42 -4.04 -18.51
N VAL A 289 33.39 -5.31 -18.87
CA VAL A 289 32.65 -5.76 -20.05
C VAL A 289 31.16 -5.60 -19.81
N ASP A 290 30.41 -5.35 -20.89
CA ASP A 290 28.98 -5.09 -20.80
C ASP A 290 28.22 -6.21 -20.10
N ASP A 291 28.70 -7.45 -20.24
CA ASP A 291 27.99 -8.59 -19.69
C ASP A 291 28.15 -8.71 -18.18
N ASN A 292 29.05 -7.91 -17.61
CA ASN A 292 29.19 -7.81 -16.16
C ASN A 292 28.50 -6.55 -15.67
N LEU A 293 28.49 -5.55 -16.54
CA LEU A 293 27.96 -4.23 -16.20
C LEU A 293 26.45 -4.26 -16.06
N TYR A 294 25.77 -4.77 -17.08
CA TYR A 294 24.33 -4.63 -17.16
C TYR A 294 23.58 -5.42 -16.10
N PRO A 295 24.02 -6.65 -15.79
CA PRO A 295 23.40 -7.35 -14.67
C PRO A 295 23.51 -6.57 -13.36
N GLN A 296 24.59 -5.82 -13.21
CA GLN A 296 24.81 -5.03 -12.01
C GLN A 296 24.00 -3.75 -12.01
N LEU A 297 23.86 -3.14 -13.19
CA LEU A 297 23.00 -1.97 -13.32
C LEU A 297 21.57 -2.36 -13.02
N GLU A 298 21.18 -3.55 -13.48
CA GLU A 298 19.86 -4.10 -13.18
C GLU A 298 19.70 -4.28 -11.69
N ARG A 299 20.72 -4.82 -11.03
CA ARG A 299 20.65 -5.06 -9.60
C ARG A 299 20.58 -3.75 -8.81
N ALA A 300 21.48 -2.83 -9.15
CA ALA A 300 21.54 -1.55 -8.46
C ALA A 300 20.21 -0.82 -8.60
N SER A 301 19.69 -0.78 -9.82
CA SER A 301 18.42 -0.13 -10.09
C SER A 301 17.27 -0.76 -9.29
N ARG A 302 17.31 -2.08 -9.15
CA ARG A 302 16.27 -2.78 -8.43
C ARG A 302 16.34 -2.51 -6.94
N LYS A 303 17.54 -2.54 -6.38
CA LYS A 303 17.72 -2.34 -4.94
C LYS A 303 17.23 -0.97 -4.50
N ILE A 304 17.50 0.04 -5.32
CA ILE A 304 17.04 1.40 -5.04
C ILE A 304 15.52 1.50 -5.24
N PHE A 305 15.02 0.83 -6.26
CA PHE A 305 13.59 0.82 -6.55
C PHE A 305 12.82 0.20 -5.38
N GLU A 306 13.29 -0.96 -4.93
CA GLU A 306 12.67 -1.67 -3.80
C GLU A 306 12.69 -0.82 -2.54
N PHE A 307 13.79 -0.10 -2.33
CA PHE A 307 13.92 0.81 -1.19
C PHE A 307 12.85 1.89 -1.24
N LEU A 308 12.64 2.48 -2.42
CA LEU A 308 11.68 3.56 -2.59
C LEU A 308 10.27 3.11 -2.25
N GLU A 309 9.94 1.85 -2.56
CA GLU A 309 8.60 1.32 -2.32
C GLU A 309 8.31 1.18 -0.84
N ARG A 310 9.23 0.56 -0.11
CA ARG A 310 9.02 0.30 1.30
C ARG A 310 9.14 1.58 2.11
N GLU A 311 9.60 2.64 1.47
CA GLU A 311 9.69 3.95 2.10
C GLU A 311 8.49 4.82 1.71
N ASN A 312 7.55 4.21 1.00
CA ASN A 312 6.28 4.83 0.63
C ASN A 312 6.42 6.04 -0.29
N PHE A 313 7.43 6.04 -1.15
CA PHE A 313 7.53 7.06 -2.18
C PHE A 313 6.84 6.62 -3.47
N MET A 314 6.23 5.44 -3.43
CA MET A 314 5.40 4.94 -4.53
C MET A 314 6.03 5.17 -5.89
N PRO A 315 7.06 4.37 -6.22
CA PRO A 315 7.75 4.51 -7.49
C PRO A 315 6.97 3.91 -8.65
N LEU A 316 7.17 4.46 -9.84
CA LEU A 316 6.50 3.98 -11.04
C LEU A 316 7.37 2.98 -11.81
N ARG A 317 8.41 3.47 -12.46
CA ARG A 317 9.34 2.61 -13.19
C ARG A 317 10.79 3.01 -12.92
N SER A 318 11.71 2.12 -13.29
CA SER A 318 13.13 2.37 -13.19
C SER A 318 13.78 2.14 -14.54
N ALA A 319 14.98 2.68 -14.72
CA ALA A 319 15.69 2.57 -15.96
C ALA A 319 17.16 2.89 -15.74
N PHE A 320 18.00 2.62 -16.73
CA PHE A 320 19.41 2.97 -16.61
C PHE A 320 20.01 3.18 -17.98
N LYS A 321 21.12 3.92 -18.03
CA LYS A 321 21.83 4.18 -19.27
C LYS A 321 23.33 4.11 -19.04
N ALA A 322 24.06 3.61 -20.03
CA ALA A 322 25.51 3.53 -19.94
C ALA A 322 26.15 4.30 -21.08
N SER A 323 26.66 5.49 -20.78
CA SER A 323 27.41 6.27 -21.74
C SER A 323 28.85 5.79 -21.71
N GLU A 324 29.74 6.53 -22.36
CA GLU A 324 31.13 6.14 -22.45
C GLU A 324 31.85 6.32 -21.11
N GLU A 325 31.54 7.41 -20.41
CA GLU A 325 32.23 7.78 -19.18
C GLU A 325 31.41 7.51 -17.92
N PHE A 326 30.09 7.64 -18.03
CA PHE A 326 29.19 7.58 -16.89
C PHE A 326 28.08 6.54 -17.01
N CYS A 327 27.54 6.15 -15.85
CA CYS A 327 26.34 5.32 -15.78
C CYS A 327 25.24 6.08 -15.04
N TYR A 328 24.00 5.88 -15.47
CA TYR A 328 22.86 6.59 -14.90
C TYR A 328 21.79 5.61 -14.45
N LEU A 329 21.26 5.81 -13.25
CA LEU A 329 20.11 5.06 -12.77
C LEU A 329 18.92 5.99 -12.59
N LEU A 330 17.92 5.85 -13.46
CA LEU A 330 16.76 6.74 -13.47
C LEU A 330 15.58 6.15 -12.72
N PHE A 331 14.84 7.00 -12.03
CA PHE A 331 13.66 6.61 -11.26
C PHE A 331 12.57 7.67 -11.39
N GLU A 332 11.32 7.23 -11.36
CA GLU A 332 10.18 8.15 -11.32
C GLU A 332 9.22 7.76 -10.21
N CYS A 333 8.82 8.74 -9.41
CA CYS A 333 8.00 8.47 -8.22
C CYS A 333 6.73 9.32 -8.19
N GLN A 334 5.67 8.75 -7.60
CA GLN A 334 4.40 9.48 -7.48
C GLN A 334 4.42 10.47 -6.32
N ILE A 335 5.29 10.24 -5.35
CA ILE A 335 5.42 11.12 -4.19
C ILE A 335 6.70 11.96 -4.24
N LYS A 336 6.56 13.26 -4.50
CA LYS A 336 7.70 14.16 -4.50
C LYS A 336 8.10 14.47 -3.07
N GLU A 337 7.13 14.40 -2.16
CA GLU A 337 7.37 14.71 -0.76
C GLU A 337 6.33 14.05 0.13
N ILE A 338 6.81 13.50 1.24
CA ILE A 338 5.94 12.86 2.22
C ILE A 338 6.11 13.57 3.57
N SER A 339 5.12 13.42 4.44
CA SER A 339 5.20 14.07 5.75
C SER A 339 6.36 13.48 6.54
N ARG A 340 6.81 14.20 7.56
CA ARG A 340 7.88 13.71 8.40
C ARG A 340 7.32 12.70 9.41
N VAL A 341 6.08 12.92 9.84
CA VAL A 341 5.43 12.01 10.79
C VAL A 341 4.82 10.80 10.10
N PHE A 342 4.90 9.66 10.78
CA PHE A 342 4.20 8.45 10.37
C PHE A 342 3.80 7.73 11.65
N ARG A 343 2.89 6.77 11.55
CA ARG A 343 2.43 6.06 12.74
C ARG A 343 3.06 4.68 12.86
N ARG A 344 3.77 4.46 13.96
CA ARG A 344 4.39 3.17 14.25
C ARG A 344 3.51 2.35 15.20
N MET A 345 3.36 1.06 14.91
CA MET A 345 2.46 0.21 15.68
C MET A 345 3.07 -0.22 17.02
N GLY A 346 2.23 -0.19 18.06
CA GLY A 346 2.63 -0.63 19.38
C GLY A 346 1.90 -1.92 19.76
N PRO A 347 2.12 -2.38 21.00
CA PRO A 347 1.49 -3.61 21.50
C PRO A 347 0.02 -3.44 21.91
N GLN A 348 -0.67 -4.56 22.11
CA GLN A 348 -2.04 -4.53 22.61
C GLN A 348 -2.06 -4.09 24.08
N PHE A 349 -3.18 -3.52 24.52
CA PHE A 349 -3.25 -2.89 25.84
C PHE A 349 -3.17 -3.89 27.01
N GLU A 350 -3.30 -5.19 26.71
CA GLU A 350 -3.32 -6.22 27.75
C GLU A 350 -1.98 -6.36 28.48
N ASP A 351 -1.00 -7.00 27.83
CA ASP A 351 0.29 -7.28 28.48
C ASP A 351 1.12 -6.02 28.71
N GLU A 352 1.02 -5.48 29.92
CA GLU A 352 1.60 -4.19 30.27
C GLU A 352 3.12 -4.14 30.18
N ARG A 353 3.77 -5.30 30.27
CA ARG A 353 5.23 -5.36 30.23
C ARG A 353 5.77 -4.81 28.91
N ASN A 354 5.09 -5.13 27.81
CA ASN A 354 5.48 -4.61 26.51
C ASN A 354 5.01 -3.18 26.31
N VAL A 355 3.83 -2.87 26.85
CA VAL A 355 3.26 -1.53 26.75
C VAL A 355 4.11 -0.52 27.51
N LYS A 356 4.58 -0.91 28.69
CA LYS A 356 5.37 0.00 29.52
C LYS A 356 6.69 0.33 28.82
N LYS A 357 7.26 -0.67 28.16
CA LYS A 357 8.49 -0.48 27.38
C LYS A 357 8.22 0.44 26.19
N PHE A 358 7.05 0.26 25.58
CA PHE A 358 6.65 1.02 24.39
C PHE A 358 6.40 2.50 24.71
N LEU A 359 5.74 2.75 25.83
CA LEU A 359 5.39 4.11 26.23
C LEU A 359 6.53 4.86 26.91
N SER A 360 7.57 4.13 27.29
CA SER A 360 8.71 4.73 28.00
C SER A 360 9.59 5.55 27.06
N ARG A 361 9.62 5.13 25.79
CA ARG A 361 10.44 5.80 24.79
C ARG A 361 10.04 7.27 24.64
N ASN A 362 11.03 8.16 24.72
CA ASN A 362 10.78 9.59 24.56
C ASN A 362 10.37 9.93 23.14
N ARG A 363 9.16 10.48 22.99
CA ARG A 363 8.63 10.88 21.69
C ARG A 363 8.14 12.33 21.74
N ALA A 364 8.15 12.99 20.59
CA ALA A 364 7.79 14.40 20.54
C ALA A 364 6.28 14.61 20.74
N PHE A 365 5.49 13.64 20.28
CA PHE A 365 4.04 13.69 20.43
C PHE A 365 3.54 12.56 21.32
N ARG A 366 2.31 12.71 21.79
CA ARG A 366 1.70 11.77 22.72
C ARG A 366 1.09 10.58 21.95
N PRO A 367 1.39 9.34 22.38
CA PRO A 367 0.82 8.14 21.74
C PRO A 367 -0.69 7.99 21.96
N PHE A 368 -1.30 7.02 21.28
CA PHE A 368 -2.75 6.84 21.37
C PHE A 368 -3.16 5.38 21.21
N ILE A 369 -4.41 5.10 21.58
CA ILE A 369 -4.98 3.77 21.45
C ILE A 369 -5.96 3.74 20.28
N GLU A 370 -5.91 2.66 19.50
CA GLU A 370 -6.78 2.49 18.35
C GLU A 370 -7.11 1.01 18.10
N ASN A 371 -8.41 0.70 18.12
CA ASN A 371 -8.90 -0.64 17.85
C ASN A 371 -8.24 -1.74 18.70
N GLY A 372 -7.85 -1.37 19.91
CA GLY A 372 -7.39 -2.35 20.88
C GLY A 372 -5.88 -2.46 21.06
N ARG A 373 -5.12 -1.63 20.35
CA ARG A 373 -3.66 -1.60 20.57
C ARG A 373 -3.11 -0.18 20.48
N TRP A 374 -1.90 0.00 21.04
CA TRP A 374 -1.27 1.31 21.09
C TRP A 374 -0.59 1.66 19.77
N TRP A 375 -0.46 2.95 19.50
CA TRP A 375 0.24 3.45 18.33
C TRP A 375 1.00 4.71 18.72
N ALA A 376 2.09 5.00 18.02
CA ALA A 376 2.88 6.20 18.30
C ALA A 376 3.20 6.92 17.00
N PHE A 377 3.34 8.24 17.09
CA PHE A 377 3.80 9.06 15.98
C PHE A 377 5.32 9.24 16.05
N GLU A 378 6.00 8.82 14.99
CA GLU A 378 7.45 8.97 14.90
C GLU A 378 7.84 9.73 13.64
N MET A 379 9.03 10.32 13.66
CA MET A 379 9.48 11.16 12.56
C MET A 379 10.32 10.38 11.56
N ARG A 380 10.23 10.76 10.29
CA ARG A 380 11.09 10.22 9.24
C ARG A 380 12.42 10.97 9.23
N LYS A 381 13.47 10.35 8.69
CA LYS A 381 14.77 11.01 8.62
C LYS A 381 14.97 11.72 7.28
N PHE A 382 14.10 11.40 6.33
CA PHE A 382 14.08 12.07 5.02
C PHE A 382 12.64 12.08 4.51
N THR A 383 12.31 13.13 3.76
CA THR A 383 10.93 13.37 3.35
C THR A 383 10.75 13.45 1.83
N THR A 384 11.82 13.18 1.09
CA THR A 384 11.74 13.15 -0.37
C THR A 384 12.52 11.95 -0.92
N PRO A 385 12.20 11.51 -2.14
CA PRO A 385 12.94 10.41 -2.75
C PRO A 385 14.44 10.71 -2.88
N GLU A 386 14.77 11.91 -3.38
CA GLU A 386 16.15 12.30 -3.59
C GLU A 386 16.95 12.21 -2.29
N GLU A 387 16.37 12.71 -1.21
CA GLU A 387 17.04 12.65 0.10
C GLU A 387 17.18 11.20 0.55
N GLY A 388 16.19 10.38 0.22
CA GLY A 388 16.21 8.99 0.62
C GLY A 388 17.25 8.19 -0.14
N VAL A 389 17.27 8.40 -1.45
CA VAL A 389 18.22 7.72 -2.32
C VAL A 389 19.64 8.17 -1.99
N ARG A 390 19.80 9.44 -1.64
CA ARG A 390 21.11 9.97 -1.25
C ARG A 390 21.63 9.18 -0.07
N SER A 391 20.75 8.95 0.90
CA SER A 391 21.10 8.20 2.09
C SER A 391 21.43 6.73 1.79
N TYR A 392 20.55 6.08 1.03
CA TYR A 392 20.70 4.67 0.71
C TYR A 392 21.95 4.40 -0.11
N ALA A 393 22.16 5.21 -1.14
CA ALA A 393 23.30 5.02 -2.02
C ALA A 393 24.62 5.29 -1.28
N SER A 394 24.55 6.11 -0.24
CA SER A 394 25.74 6.44 0.54
C SER A 394 26.10 5.32 1.50
N THR A 395 25.10 4.82 2.22
CA THR A 395 25.31 3.79 3.23
C THR A 395 25.36 2.39 2.65
N HIS A 396 24.41 2.07 1.79
CA HIS A 396 24.29 0.73 1.22
C HIS A 396 24.91 0.63 -0.17
N TRP A 397 26.07 1.26 -0.36
CA TRP A 397 26.76 1.22 -1.65
C TRP A 397 27.17 -0.19 -2.03
N HIS A 398 27.43 -1.03 -1.03
CA HIS A 398 28.03 -2.34 -1.27
C HIS A 398 27.06 -3.33 -1.92
N THR A 399 25.77 -3.14 -1.71
CA THR A 399 24.79 -4.11 -2.19
C THR A 399 24.30 -3.80 -3.61
N LEU A 400 24.83 -2.75 -4.22
CA LEU A 400 24.38 -2.34 -5.55
C LEU A 400 25.23 -2.94 -6.67
N GLY A 401 25.71 -4.16 -6.47
CA GLY A 401 26.59 -4.81 -7.42
C GLY A 401 28.05 -4.52 -7.12
N LYS A 402 28.91 -5.50 -7.34
CA LYS A 402 30.31 -5.41 -6.95
C LYS A 402 31.00 -4.16 -7.50
N ASN A 403 31.05 -4.06 -8.82
CA ASN A 403 31.80 -2.98 -9.47
C ASN A 403 31.05 -1.65 -9.48
N VAL A 404 29.73 -1.71 -9.66
CA VAL A 404 28.90 -0.51 -9.63
C VAL A 404 28.94 0.12 -8.24
N GLY A 405 28.79 -0.72 -7.22
CA GLY A 405 28.75 -0.27 -5.84
C GLY A 405 30.04 0.37 -5.39
N GLU A 406 31.16 -0.18 -5.87
CA GLU A 406 32.47 0.34 -5.56
C GLU A 406 32.72 1.64 -6.30
N SER A 407 32.06 1.80 -7.45
CA SER A 407 32.14 3.05 -8.20
C SER A 407 31.25 4.11 -7.57
N ILE A 408 30.10 3.69 -7.06
CA ILE A 408 29.19 4.60 -6.38
C ILE A 408 29.80 5.05 -5.06
N ARG A 409 30.55 4.15 -4.42
CA ARG A 409 31.20 4.47 -3.14
C ARG A 409 32.19 5.61 -3.32
N GLU A 410 33.01 5.53 -4.35
CA GLU A 410 34.03 6.54 -4.59
C GLU A 410 33.38 7.87 -5.00
N TYR A 411 32.24 7.81 -5.67
CA TYR A 411 31.51 9.03 -6.03
C TYR A 411 30.19 8.77 -6.74
N PHE A 412 29.18 9.55 -6.37
CA PHE A 412 27.90 9.59 -7.08
C PHE A 412 27.17 10.90 -6.78
N GLU A 413 26.21 11.24 -7.62
CA GLU A 413 25.40 12.44 -7.41
C GLU A 413 24.01 12.24 -7.97
N ILE A 414 23.02 12.84 -7.32
CA ILE A 414 21.64 12.74 -7.79
C ILE A 414 21.25 13.96 -8.64
N ILE A 415 20.98 13.71 -9.92
CA ILE A 415 20.59 14.76 -10.88
C ILE A 415 19.07 14.83 -11.06
N SER A 416 18.52 16.04 -10.97
CA SER A 416 17.08 16.23 -11.10
C SER A 416 16.75 17.45 -11.95
N GLY A 417 15.50 17.54 -12.35
CA GLY A 417 14.99 18.68 -13.10
C GLY A 417 15.66 18.87 -14.44
N GLU A 418 15.84 20.14 -14.82
CA GLU A 418 16.40 20.50 -16.12
C GLU A 418 17.84 20.02 -16.25
N LYS A 419 18.56 19.94 -15.14
CA LYS A 419 19.96 19.51 -15.17
C LYS A 419 20.05 18.06 -15.65
N LEU A 420 18.95 17.33 -15.53
CA LEU A 420 18.88 15.94 -15.97
C LEU A 420 18.65 15.84 -17.49
N PHE A 421 17.85 16.76 -18.02
CA PHE A 421 17.45 16.71 -19.42
C PHE A 421 18.61 17.05 -20.36
N LYS A 422 19.67 17.63 -19.79
CA LYS A 422 20.86 17.94 -20.57
C LYS A 422 21.83 16.75 -20.58
N GLU A 423 21.50 15.71 -19.83
CA GLU A 423 22.31 14.49 -19.80
C GLU A 423 21.90 13.55 -20.93
N PRO A 424 22.76 12.56 -21.25
CA PRO A 424 22.46 11.62 -22.34
C PRO A 424 21.41 10.56 -21.99
N VAL A 425 20.30 10.98 -21.38
CA VAL A 425 19.29 10.03 -20.91
C VAL A 425 17.89 10.33 -21.43
N THR A 426 17.79 11.20 -22.43
CA THR A 426 16.48 11.59 -22.96
C THR A 426 15.71 10.40 -23.49
N ALA A 427 16.37 9.58 -24.31
CA ALA A 427 15.72 8.40 -24.88
C ALA A 427 15.22 7.45 -23.79
N GLU A 428 16.05 7.23 -22.76
CA GLU A 428 15.68 6.33 -21.66
C GLU A 428 14.50 6.88 -20.87
N LEU A 429 14.44 8.20 -20.74
CA LEU A 429 13.35 8.85 -20.05
C LEU A 429 12.04 8.70 -20.80
N CYS A 430 12.07 8.87 -22.10
CA CYS A 430 10.87 8.77 -22.92
C CYS A 430 10.32 7.34 -22.96
N GLU A 431 11.22 6.35 -22.99
CA GLU A 431 10.79 4.96 -22.92
C GLU A 431 10.17 4.66 -21.55
N MET A 432 10.82 5.19 -20.51
CA MET A 432 10.37 4.97 -19.14
C MET A 432 8.99 5.57 -18.88
N MET A 433 8.79 6.80 -19.32
CA MET A 433 7.56 7.54 -19.04
C MET A 433 6.44 7.21 -20.03
N GLY A 434 6.77 6.55 -21.13
CA GLY A 434 5.77 6.21 -22.13
C GLY A 434 5.44 7.36 -23.05
N VAL A 435 6.41 8.25 -23.25
CA VAL A 435 6.26 9.37 -24.15
C VAL A 435 6.00 8.86 -25.56
N LYS A 436 5.08 9.51 -26.26
CA LYS A 436 4.70 9.10 -27.60
C LYS A 436 5.46 9.89 -28.66
N ASP A 437 5.73 9.23 -29.78
CA ASP A 437 6.35 9.89 -30.93
C ASP A 437 7.70 10.48 -30.56
N SER A 438 8.53 9.65 -29.94
CA SER A 438 9.91 9.98 -29.65
C SER A 438 10.87 9.07 -30.43
N ASN A 439 10.29 8.23 -31.28
CA ASN A 439 11.04 7.30 -32.14
C ASN A 439 10.67 7.46 -33.59
N SER A 440 11.53 7.00 -34.49
CA SER A 440 11.22 7.05 -35.91
C SER A 440 12.09 6.07 -36.67
N SER A 441 11.59 5.61 -37.81
CA SER A 441 12.32 4.68 -38.67
C SER A 441 12.69 5.35 -39.98
N SER A 442 12.73 6.68 -39.99
CA SER A 442 13.10 7.43 -41.18
C SER A 442 14.58 7.23 -41.49
N VAL A 443 14.87 6.95 -42.76
CA VAL A 443 16.23 6.67 -43.22
C VAL A 443 16.91 7.95 -43.69
N MET C 1 -1.23 13.17 51.65
CA MET C 1 -0.91 13.02 50.20
C MET C 1 -0.43 11.60 49.89
N LYS C 2 -0.77 10.65 50.76
CA LYS C 2 -0.39 9.25 50.59
C LYS C 2 -1.32 8.57 49.58
N VAL C 3 -1.43 7.25 49.67
CA VAL C 3 -2.29 6.49 48.78
C VAL C 3 -3.73 6.48 49.29
N GLU C 4 -3.88 6.44 50.61
CA GLU C 4 -5.19 6.39 51.25
C GLU C 4 -5.70 7.80 51.53
N GLU C 5 -4.76 8.73 51.73
CA GLU C 5 -5.09 10.11 52.06
C GLU C 5 -5.82 10.82 50.92
N ILE C 6 -5.58 10.36 49.69
CA ILE C 6 -6.15 11.01 48.50
C ILE C 6 -7.59 10.56 48.22
N LEU C 7 -7.90 9.30 48.44
CA LEU C 7 -9.28 8.82 48.24
C LEU C 7 -10.24 9.49 49.22
N GLU C 8 -9.68 10.01 50.30
CA GLU C 8 -10.45 10.79 51.27
C GLU C 8 -10.82 12.16 50.69
N LYS C 9 -9.82 12.86 50.17
CA LYS C 9 -10.01 14.19 49.60
C LYS C 9 -10.86 14.15 48.33
N ALA C 10 -10.93 12.98 47.70
CA ALA C 10 -11.69 12.81 46.46
C ALA C 10 -13.18 12.63 46.72
N LEU C 11 -13.52 12.22 47.94
CA LEU C 11 -14.91 12.07 48.35
C LEU C 11 -15.58 13.44 48.47
N GLU C 12 -14.78 14.49 48.63
CA GLU C 12 -15.31 15.84 48.80
C GLU C 12 -15.89 16.40 47.49
N LEU C 13 -15.59 15.74 46.36
CA LEU C 13 -16.06 16.19 45.06
C LEU C 13 -17.13 15.29 44.45
N VAL C 14 -17.15 14.02 44.83
CA VAL C 14 -18.08 13.06 44.24
C VAL C 14 -19.34 12.88 45.10
N ILE C 15 -19.25 13.23 46.37
CA ILE C 15 -20.41 13.16 47.26
C ILE C 15 -21.14 14.52 47.23
N PRO C 16 -22.45 14.50 46.99
CA PRO C 16 -23.22 15.77 46.96
C PRO C 16 -23.30 16.46 48.32
N ASP C 17 -23.11 17.78 48.32
CA ASP C 17 -23.27 18.57 49.54
C ASP C 17 -24.75 18.60 49.96
N GLU C 18 -25.01 18.93 51.22
CA GLU C 18 -26.37 18.87 51.77
C GLU C 18 -27.29 19.95 51.19
N GLU C 19 -26.72 21.01 50.62
CA GLU C 19 -27.53 22.06 49.99
C GLU C 19 -28.13 21.54 48.69
N GLU C 20 -27.45 20.58 48.08
CA GLU C 20 -27.90 19.95 46.84
C GLU C 20 -28.96 18.89 47.15
N VAL C 21 -28.75 18.13 48.22
CA VAL C 21 -29.69 17.09 48.61
C VAL C 21 -31.05 17.68 49.01
N ARG C 22 -31.02 18.75 49.80
CA ARG C 22 -32.25 19.41 50.25
C ARG C 22 -33.11 19.84 49.07
N LYS C 23 -32.44 20.38 48.05
CA LYS C 23 -33.13 20.78 46.84
C LYS C 23 -33.70 19.56 46.12
N GLY C 24 -33.02 18.43 46.27
CA GLY C 24 -33.43 17.18 45.63
C GLY C 24 -34.60 16.51 46.33
N ARG C 25 -34.53 16.39 47.65
CA ARG C 25 -35.58 15.74 48.42
C ARG C 25 -36.86 16.59 48.41
N GLU C 26 -36.70 17.91 48.37
CA GLU C 26 -37.84 18.81 48.31
C GLU C 26 -38.57 18.66 46.98
N ALA C 27 -37.81 18.43 45.92
CA ALA C 27 -38.38 18.25 44.59
C ALA C 27 -39.03 16.88 44.44
N GLU C 28 -38.47 15.88 45.15
CA GLU C 28 -39.07 14.55 45.17
C GLU C 28 -40.43 14.61 45.87
N GLU C 29 -40.49 15.44 46.92
CA GLU C 29 -41.71 15.63 47.68
C GLU C 29 -42.79 16.27 46.80
N GLU C 30 -42.37 17.26 46.02
CA GLU C 30 -43.28 17.99 45.14
C GLU C 30 -43.81 17.09 44.02
N LEU C 31 -42.99 16.14 43.58
CA LEU C 31 -43.36 15.25 42.48
C LEU C 31 -44.42 14.23 42.89
N ARG C 32 -44.25 13.63 44.07
CA ARG C 32 -45.19 12.65 44.60
C ARG C 32 -46.56 13.27 44.85
N ARG C 33 -46.58 14.54 45.24
CA ARG C 33 -47.83 15.26 45.44
C ARG C 33 -48.65 15.20 44.17
N ARG C 34 -47.97 15.49 43.06
CA ARG C 34 -48.59 15.59 41.76
C ARG C 34 -48.90 14.21 41.15
N LEU C 35 -48.02 13.25 41.38
CA LEU C 35 -48.19 11.90 40.85
C LEU C 35 -49.32 11.16 41.54
N ASP C 36 -49.38 11.27 42.86
CA ASP C 36 -50.44 10.65 43.65
C ASP C 36 -51.78 11.35 43.40
N GLU C 37 -51.73 12.65 43.16
CA GLU C 37 -52.93 13.42 42.87
C GLU C 37 -53.54 12.98 41.55
N LEU C 38 -52.67 12.48 40.66
CA LEU C 38 -53.12 11.98 39.36
C LEU C 38 -53.45 10.49 39.45
N GLY C 39 -53.04 9.85 40.54
CA GLY C 39 -53.33 8.44 40.76
C GLY C 39 -52.71 7.53 39.72
N VAL C 40 -51.40 7.65 39.52
CA VAL C 40 -50.68 6.79 38.57
C VAL C 40 -49.67 5.91 39.29
N GLU C 41 -49.55 4.66 38.86
CA GLU C 41 -48.56 3.75 39.44
C GLU C 41 -47.18 4.13 38.91
N TYR C 42 -46.33 4.62 39.80
CA TYR C 42 -45.00 5.09 39.43
C TYR C 42 -43.95 4.53 40.38
N VAL C 43 -42.68 4.75 40.04
CA VAL C 43 -41.57 4.33 40.88
C VAL C 43 -40.34 5.20 40.61
N PHE C 44 -39.63 5.55 41.67
CA PHE C 44 -38.38 6.32 41.55
C PHE C 44 -37.20 5.37 41.41
N VAL C 45 -36.43 5.56 40.35
CA VAL C 45 -35.25 4.74 40.07
C VAL C 45 -34.06 5.65 39.77
N GLY C 46 -32.95 5.02 39.39
CA GLY C 46 -31.76 5.75 38.97
C GLY C 46 -30.81 6.03 40.12
N SER C 47 -29.88 6.95 39.89
CA SER C 47 -28.85 7.26 40.87
C SER C 47 -29.43 8.00 42.06
N TYR C 48 -30.62 8.57 41.90
CA TYR C 48 -31.24 9.34 42.95
C TYR C 48 -32.02 8.43 43.91
N ALA C 49 -32.66 7.41 43.37
CA ALA C 49 -33.43 6.46 44.17
C ALA C 49 -32.51 5.52 44.95
N ARG C 50 -31.21 5.56 44.64
CA ARG C 50 -30.20 4.74 45.32
C ARG C 50 -29.12 5.59 45.99
N ASN C 51 -29.23 6.91 45.87
CA ASN C 51 -28.27 7.85 46.45
C ASN C 51 -26.84 7.57 45.98
N THR C 52 -26.68 7.52 44.66
CA THR C 52 -25.38 7.29 44.03
C THR C 52 -25.15 8.32 42.92
N TRP C 53 -25.78 9.48 43.04
CA TRP C 53 -25.60 10.55 42.07
C TRP C 53 -24.42 11.44 42.45
N LEU C 54 -23.68 11.90 41.45
CA LEU C 54 -22.50 12.74 41.69
C LEU C 54 -22.88 14.18 41.97
N LYS C 55 -22.01 14.88 42.70
CA LYS C 55 -22.20 16.28 43.02
C LYS C 55 -22.27 17.07 41.72
N GLY C 56 -23.29 17.91 41.60
CA GLY C 56 -23.47 18.74 40.42
C GLY C 56 -24.18 17.99 39.30
N SER C 57 -24.36 16.69 39.49
CA SER C 57 -25.03 15.84 38.51
C SER C 57 -26.33 15.30 39.10
N LEU C 58 -27.11 16.20 39.69
CA LEU C 58 -28.38 15.83 40.31
C LEU C 58 -29.45 15.60 39.25
N GLU C 59 -29.98 14.38 39.22
CA GLU C 59 -31.07 14.04 38.30
C GLU C 59 -32.01 13.01 38.91
N ILE C 60 -33.29 13.36 38.99
CA ILE C 60 -34.31 12.47 39.52
C ILE C 60 -34.97 11.76 38.35
N ASP C 61 -35.14 10.45 38.50
CA ASP C 61 -35.77 9.64 37.45
C ASP C 61 -37.04 8.98 37.99
N VAL C 62 -38.14 9.17 37.26
CA VAL C 62 -39.43 8.60 37.66
C VAL C 62 -40.05 7.80 36.51
N PHE C 63 -40.30 6.51 36.78
CA PHE C 63 -40.93 5.63 35.80
C PHE C 63 -42.43 5.49 36.06
N LEU C 64 -43.22 5.56 35.00
CA LEU C 64 -44.66 5.34 35.07
C LEU C 64 -45.00 3.94 34.54
N LEU C 65 -45.66 3.14 35.39
CA LEU C 65 -45.96 1.74 35.05
C LEU C 65 -47.38 1.54 34.56
N PHE C 66 -47.51 1.12 33.29
CA PHE C 66 -48.82 0.85 32.67
C PHE C 66 -48.97 -0.64 32.34
N PRO C 67 -50.22 -1.12 32.17
CA PRO C 67 -50.49 -2.52 31.79
C PRO C 67 -49.80 -2.93 30.48
N GLU C 68 -49.51 -4.21 30.31
CA GLU C 68 -48.85 -4.69 29.09
C GLU C 68 -49.71 -4.47 27.85
N GLU C 69 -51.03 -4.51 28.03
CA GLU C 69 -51.95 -4.45 26.89
C GLU C 69 -52.00 -3.06 26.25
N PHE C 70 -51.46 -2.06 26.94
CA PHE C 70 -51.40 -0.71 26.38
C PHE C 70 -50.59 -0.74 25.08
N SER C 71 -51.09 -0.04 24.07
CA SER C 71 -50.38 0.06 22.79
C SER C 71 -49.07 0.82 22.97
N LYS C 72 -48.12 0.58 22.07
CA LYS C 72 -46.86 1.32 22.09
C LYS C 72 -47.15 2.80 21.87
N GLU C 73 -48.24 3.08 21.15
CA GLU C 73 -48.70 4.45 20.94
C GLU C 73 -49.39 4.97 22.20
N GLU C 74 -50.19 4.11 22.83
CA GLU C 74 -50.94 4.48 24.03
C GLU C 74 -49.99 4.71 25.21
N LEU C 75 -48.95 3.89 25.26
CA LEU C 75 -47.91 4.03 26.29
C LEU C 75 -47.27 5.42 26.20
N ARG C 76 -46.94 5.82 24.99
CA ARG C 76 -46.32 7.12 24.73
C ARG C 76 -47.30 8.26 25.03
N GLU C 77 -48.46 8.18 24.41
CA GLU C 77 -49.45 9.26 24.43
C GLU C 77 -49.97 9.58 25.84
N ARG C 78 -50.00 8.57 26.72
CA ARG C 78 -50.38 8.78 28.10
C ARG C 78 -49.18 9.14 28.96
N GLY C 79 -48.06 8.46 28.71
CA GLY C 79 -46.84 8.69 29.46
C GLY C 79 -46.34 10.12 29.37
N LEU C 80 -46.25 10.63 28.14
CA LEU C 80 -45.82 12.00 27.90
C LEU C 80 -46.85 13.02 28.41
N GLU C 81 -48.12 12.63 28.36
CA GLU C 81 -49.22 13.50 28.80
C GLU C 81 -49.11 13.77 30.30
N ILE C 82 -48.84 12.71 31.07
CA ILE C 82 -48.67 12.83 32.52
C ILE C 82 -47.42 13.65 32.83
N GLY C 83 -46.35 13.37 32.11
CA GLY C 83 -45.09 14.06 32.31
C GLY C 83 -45.21 15.57 32.23
N LYS C 84 -45.81 16.07 31.14
CA LYS C 84 -45.97 17.50 30.93
C LYS C 84 -46.84 18.14 32.01
N ALA C 85 -47.76 17.36 32.57
CA ALA C 85 -48.69 17.84 33.59
C ALA C 85 -48.00 17.98 34.95
N VAL C 86 -46.96 17.20 35.17
CA VAL C 86 -46.30 17.12 36.47
C VAL C 86 -45.10 18.06 36.54
N LEU C 87 -44.50 18.34 35.38
CA LEU C 87 -43.31 19.18 35.32
C LEU C 87 -43.67 20.66 35.13
N ASP C 88 -42.87 21.54 35.73
CA ASP C 88 -43.03 22.98 35.58
C ASP C 88 -42.81 23.39 34.12
N SER C 89 -41.58 23.19 33.65
CA SER C 89 -41.23 23.37 32.24
C SER C 89 -40.66 22.06 31.70
N TYR C 90 -41.00 21.74 30.46
CA TYR C 90 -40.59 20.48 29.86
C TYR C 90 -40.01 20.64 28.46
N GLU C 91 -39.42 19.56 27.95
CA GLU C 91 -38.81 19.57 26.63
C GLU C 91 -38.73 18.13 26.12
N ILE C 92 -39.45 17.85 25.04
CA ILE C 92 -39.57 16.49 24.52
C ILE C 92 -38.74 16.26 23.26
N ARG C 93 -37.67 15.49 23.42
CA ARG C 93 -36.74 15.19 22.34
C ARG C 93 -36.03 13.87 22.64
N TYR C 94 -36.38 12.82 21.89
CA TYR C 94 -35.84 11.48 22.11
C TYR C 94 -35.54 10.76 20.80
N ALA C 95 -34.86 9.62 20.91
CA ALA C 95 -34.38 8.86 19.75
C ALA C 95 -35.33 7.72 19.38
N GLU C 96 -35.75 6.95 20.38
CA GLU C 96 -36.65 5.81 20.16
C GLU C 96 -37.71 5.74 21.25
N HIS C 97 -37.28 5.51 22.49
CA HIS C 97 -38.22 5.42 23.61
C HIS C 97 -38.63 6.80 24.08
N PRO C 98 -39.94 7.07 24.13
CA PRO C 98 -40.40 8.41 24.50
C PRO C 98 -40.18 8.72 25.98
N TYR C 99 -39.90 9.99 26.28
CA TYR C 99 -39.81 10.45 27.66
C TYR C 99 -39.87 11.98 27.69
N VAL C 100 -39.97 12.54 28.90
CA VAL C 100 -40.08 13.98 29.08
C VAL C 100 -38.99 14.52 30.00
N HIS C 101 -38.12 15.34 29.44
CA HIS C 101 -37.08 16.03 30.21
C HIS C 101 -37.60 17.40 30.63
N GLY C 102 -37.40 17.76 31.90
CA GLY C 102 -37.88 19.04 32.38
C GLY C 102 -37.29 19.51 33.71
N VAL C 103 -38.01 20.41 34.36
CA VAL C 103 -37.56 21.06 35.58
C VAL C 103 -38.66 21.06 36.65
N VAL C 104 -38.26 20.89 37.91
CA VAL C 104 -39.19 21.01 39.03
C VAL C 104 -38.51 21.69 40.21
N LYS C 105 -38.91 22.94 40.44
CA LYS C 105 -38.32 23.78 41.49
C LYS C 105 -36.81 23.85 41.32
N GLY C 106 -36.34 23.73 40.08
CA GLY C 106 -34.94 23.91 39.75
C GLY C 106 -34.13 22.63 39.66
N VAL C 107 -34.77 21.47 39.73
CA VAL C 107 -34.07 20.19 39.64
C VAL C 107 -34.37 19.46 38.34
N GLU C 108 -33.41 18.64 37.90
CA GLU C 108 -33.56 17.84 36.70
C GLU C 108 -34.49 16.65 36.96
N VAL C 109 -35.53 16.53 36.16
CA VAL C 109 -36.50 15.44 36.29
C VAL C 109 -36.73 14.78 34.94
N ASP C 110 -36.77 13.45 34.94
CA ASP C 110 -37.11 12.67 33.75
C ASP C 110 -38.31 11.74 34.03
N VAL C 111 -39.39 11.92 33.27
CA VAL C 111 -40.58 11.10 33.42
C VAL C 111 -40.69 10.07 32.28
N VAL C 112 -40.36 8.82 32.58
CA VAL C 112 -40.28 7.78 31.55
C VAL C 112 -41.46 6.79 31.64
N PRO C 113 -42.17 6.56 30.52
CA PRO C 113 -43.23 5.53 30.52
C PRO C 113 -42.69 4.11 30.32
N CYS C 114 -43.29 3.12 30.98
CA CYS C 114 -42.87 1.73 30.81
C CYS C 114 -43.97 0.75 31.17
N TYR C 115 -43.71 -0.54 30.91
CA TYR C 115 -44.67 -1.60 31.22
C TYR C 115 -44.36 -2.27 32.57
N LYS C 116 -45.40 -2.53 33.36
CA LYS C 116 -45.24 -3.29 34.60
C LYS C 116 -45.19 -4.78 34.27
N LEU C 117 -43.98 -5.29 34.04
CA LEU C 117 -43.79 -6.69 33.71
C LEU C 117 -43.53 -7.50 34.96
N LYS C 118 -43.79 -8.81 34.85
CA LYS C 118 -43.34 -9.77 35.83
C LYS C 118 -42.33 -10.66 35.13
N GLU C 119 -41.12 -10.74 35.70
CA GLU C 119 -39.97 -11.36 35.06
C GLU C 119 -39.59 -10.64 33.75
N PRO C 120 -38.41 -10.01 33.72
CA PRO C 120 -37.97 -9.29 32.53
C PRO C 120 -37.14 -10.19 31.60
N LYS C 121 -37.76 -11.26 31.14
CA LYS C 121 -37.09 -12.21 30.25
C LYS C 121 -37.17 -11.72 28.82
N ASN C 122 -38.39 -11.70 28.27
CA ASN C 122 -38.63 -11.15 26.94
C ASN C 122 -39.25 -9.77 27.06
N ILE C 123 -38.42 -8.81 27.48
CA ILE C 123 -38.82 -7.42 27.61
C ILE C 123 -39.54 -6.92 26.36
N LYS C 124 -40.48 -6.01 26.56
CA LYS C 124 -41.31 -5.49 25.47
C LYS C 124 -40.80 -4.14 25.01
N SER C 125 -40.44 -3.29 25.98
CA SER C 125 -39.81 -2.01 25.70
C SER C 125 -38.31 -2.11 25.96
N ALA C 126 -37.57 -1.05 25.63
CA ALA C 126 -36.13 -1.05 25.84
C ALA C 126 -35.79 -0.77 27.30
N VAL C 127 -36.67 -0.03 27.97
CA VAL C 127 -36.40 0.46 29.33
C VAL C 127 -37.17 -0.33 30.40
N ASP C 128 -37.70 -1.48 30.03
CA ASP C 128 -38.49 -2.29 30.95
C ASP C 128 -37.60 -3.02 31.96
N ARG C 129 -36.29 -2.94 31.76
CA ARG C 129 -35.33 -3.56 32.67
C ARG C 129 -35.01 -2.64 33.84
N THR C 130 -35.32 -1.36 33.71
CA THR C 130 -34.92 -0.36 34.70
C THR C 130 -35.62 -0.54 36.05
N PRO C 131 -36.94 -0.87 36.04
CA PRO C 131 -37.60 -1.15 37.32
C PRO C 131 -37.02 -2.38 38.03
N PHE C 132 -36.72 -3.43 37.26
CA PHE C 132 -36.12 -4.65 37.83
C PHE C 132 -34.69 -4.44 38.31
N HIS C 133 -34.01 -3.46 37.74
CA HIS C 133 -32.66 -3.10 38.16
C HIS C 133 -32.65 -2.47 39.55
N HIS C 134 -33.61 -1.58 39.81
CA HIS C 134 -33.68 -0.89 41.08
C HIS C 134 -34.09 -1.83 42.22
N LYS C 135 -34.95 -2.80 41.91
CA LYS C 135 -35.42 -3.78 42.88
C LYS C 135 -34.30 -4.75 43.27
N TRP C 136 -33.45 -5.06 42.29
CA TRP C 136 -32.37 -6.02 42.47
C TRP C 136 -31.17 -5.40 43.20
N LEU C 137 -30.99 -4.10 43.05
CA LEU C 137 -29.78 -3.42 43.52
C LEU C 137 -29.93 -2.81 44.91
N GLU C 138 -31.15 -2.44 45.27
CA GLU C 138 -31.41 -1.72 46.51
C GLU C 138 -30.90 -2.51 47.72
N GLY C 139 -31.06 -3.83 47.67
CA GLY C 139 -30.70 -4.69 48.78
C GLY C 139 -29.22 -5.02 48.84
N ARG C 140 -28.54 -4.93 47.70
CA ARG C 140 -27.13 -5.31 47.61
C ARG C 140 -26.18 -4.09 47.64
N ILE C 141 -26.64 -2.94 47.15
CA ILE C 141 -25.79 -1.75 47.06
C ILE C 141 -25.85 -0.90 48.32
N LYS C 142 -26.79 -1.21 49.21
CA LYS C 142 -26.98 -0.39 50.40
C LYS C 142 -25.72 -0.36 51.26
N GLY C 143 -25.27 0.85 51.58
CA GLY C 143 -24.08 1.05 52.39
C GLY C 143 -22.82 1.31 51.58
N LYS C 144 -22.76 0.75 50.37
CA LYS C 144 -21.58 0.86 49.52
C LYS C 144 -21.79 1.94 48.46
N GLU C 145 -22.71 2.85 48.72
CA GLU C 145 -23.09 3.90 47.77
C GLU C 145 -21.91 4.82 47.42
N ASN C 146 -21.08 5.14 48.40
CA ASN C 146 -19.95 6.04 48.17
C ASN C 146 -18.82 5.37 47.38
N GLU C 147 -18.77 4.04 47.42
CA GLU C 147 -17.81 3.30 46.61
C GLU C 147 -18.14 3.45 45.13
N VAL C 148 -19.44 3.66 44.84
CA VAL C 148 -19.89 3.90 43.48
C VAL C 148 -19.52 5.33 43.05
N ARG C 149 -19.74 6.28 43.94
CA ARG C 149 -19.44 7.68 43.65
C ARG C 149 -17.95 7.88 43.39
N LEU C 150 -17.11 7.01 43.94
CA LEU C 150 -15.67 7.04 43.67
C LEU C 150 -15.38 6.51 42.26
N LEU C 151 -16.10 5.47 41.85
CA LEU C 151 -15.91 4.87 40.53
C LEU C 151 -16.46 5.74 39.41
N LYS C 152 -17.67 6.28 39.64
CA LYS C 152 -18.31 7.15 38.67
C LYS C 152 -17.54 8.46 38.48
N GLY C 153 -17.00 9.00 39.57
CA GLY C 153 -16.23 10.22 39.50
C GLY C 153 -14.91 10.04 38.78
N PHE C 154 -14.33 8.84 38.94
CA PHE C 154 -13.07 8.49 38.30
C PHE C 154 -13.21 8.44 36.77
N LEU C 155 -14.37 7.94 36.32
CA LEU C 155 -14.67 7.81 34.89
C LEU C 155 -15.09 9.14 34.28
N LYS C 156 -15.89 9.89 35.02
CA LYS C 156 -16.37 11.20 34.57
C LYS C 156 -15.21 12.15 34.32
N ALA C 157 -14.14 11.99 35.09
CA ALA C 157 -12.96 12.85 34.97
C ALA C 157 -12.11 12.50 33.74
N ASN C 158 -12.31 11.29 33.21
CA ASN C 158 -11.58 10.83 32.02
C ASN C 158 -12.49 10.69 30.79
N GLY C 159 -13.66 11.32 30.84
CA GLY C 159 -14.54 11.38 29.69
C GLY C 159 -14.96 10.02 29.16
N ILE C 160 -15.13 9.05 30.07
CA ILE C 160 -15.59 7.72 29.68
C ILE C 160 -16.71 7.21 30.62
N TYR C 161 -17.48 8.12 31.19
CA TYR C 161 -18.61 7.74 32.03
C TYR C 161 -19.93 7.66 31.25
N GLY C 162 -20.05 8.39 30.16
CA GLY C 162 -21.27 8.31 29.37
C GLY C 162 -21.38 6.97 28.67
N ALA C 163 -22.58 6.38 28.65
CA ALA C 163 -22.82 5.17 27.88
C ALA C 163 -23.44 5.55 26.54
N GLU C 164 -23.79 6.83 26.41
CA GLU C 164 -24.34 7.39 25.17
C GLU C 164 -23.31 7.30 24.05
N TYR C 165 -23.76 7.40 22.80
CA TYR C 165 -22.88 7.24 21.65
C TYR C 165 -21.84 8.36 21.51
N LYS C 166 -22.02 9.44 22.25
CA LYS C 166 -21.03 10.52 22.29
C LYS C 166 -19.78 10.09 23.06
N VAL C 167 -19.90 9.03 23.86
CA VAL C 167 -18.85 8.59 24.77
C VAL C 167 -18.41 7.14 24.57
N ARG C 168 -19.38 6.23 24.48
CA ARG C 168 -19.12 4.80 24.41
C ARG C 168 -18.30 4.33 25.62
N GLY C 169 -18.76 4.70 26.82
CA GLY C 169 -18.08 4.35 28.05
C GLY C 169 -18.90 3.46 28.97
N PHE C 170 -18.73 3.63 30.28
CA PHE C 170 -19.39 2.78 31.28
C PHE C 170 -20.70 3.42 31.75
N SER C 171 -21.82 2.73 31.53
CA SER C 171 -23.12 3.23 32.02
C SER C 171 -23.11 3.32 33.55
N GLY C 172 -23.94 4.22 34.08
CA GLY C 172 -24.01 4.44 35.51
C GLY C 172 -24.45 3.19 36.27
N TYR C 173 -25.20 2.33 35.59
CA TYR C 173 -25.67 1.07 36.17
C TYR C 173 -24.56 0.01 36.16
N LEU C 174 -23.73 0.06 35.12
CA LEU C 174 -22.57 -0.84 35.04
C LEU C 174 -21.61 -0.57 36.18
N CYS C 175 -21.45 0.70 36.54
CA CYS C 175 -20.55 1.09 37.61
C CYS C 175 -21.02 0.52 38.95
N GLU C 176 -22.33 0.56 39.16
CA GLU C 176 -22.92 0.04 40.39
C GLU C 176 -22.74 -1.49 40.47
N LEU C 177 -22.92 -2.19 39.35
CA LEU C 177 -22.74 -3.64 39.33
C LEU C 177 -21.31 -4.04 39.70
N LEU C 178 -20.35 -3.19 39.32
CA LEU C 178 -18.95 -3.47 39.60
C LEU C 178 -18.64 -3.33 41.09
N ILE C 179 -19.30 -2.38 41.75
CA ILE C 179 -19.10 -2.17 43.18
C ILE C 179 -19.71 -3.32 43.98
N VAL C 180 -20.85 -3.84 43.54
CA VAL C 180 -21.48 -4.99 44.19
C VAL C 180 -20.62 -6.24 43.96
N PHE C 181 -19.93 -6.27 42.84
CA PHE C 181 -19.14 -7.45 42.43
C PHE C 181 -17.76 -7.50 43.08
N TYR C 182 -17.19 -6.33 43.39
CA TYR C 182 -15.83 -6.25 43.94
C TYR C 182 -15.82 -5.68 45.36
N GLY C 183 -16.87 -4.96 45.72
CA GLY C 183 -17.04 -4.47 47.07
C GLY C 183 -16.63 -3.02 47.23
N SER C 184 -15.54 -2.65 46.57
CA SER C 184 -15.01 -1.30 46.72
C SER C 184 -14.44 -0.78 45.40
N PHE C 185 -14.26 0.54 45.34
CA PHE C 185 -13.64 1.18 44.19
C PHE C 185 -12.21 0.68 44.01
N LEU C 186 -11.45 0.66 45.10
CA LEU C 186 -10.05 0.22 45.06
C LEU C 186 -9.94 -1.23 44.63
N GLU C 187 -10.83 -2.07 45.14
CA GLU C 187 -10.82 -3.48 44.79
C GLU C 187 -11.26 -3.70 43.35
N THR C 188 -12.04 -2.75 42.82
CA THR C 188 -12.48 -2.79 41.43
C THR C 188 -11.33 -2.40 40.49
N VAL C 189 -10.61 -1.34 40.86
CA VAL C 189 -9.47 -0.86 40.07
C VAL C 189 -8.36 -1.91 40.01
N LYS C 190 -8.02 -2.48 41.16
CA LYS C 190 -6.95 -3.48 41.25
C LYS C 190 -7.20 -4.65 40.29
N ASN C 191 -8.44 -5.13 40.25
CA ASN C 191 -8.80 -6.27 39.40
C ASN C 191 -9.00 -5.87 37.94
N ALA C 192 -9.33 -4.61 37.71
CA ALA C 192 -9.59 -4.12 36.35
C ALA C 192 -8.33 -4.21 35.48
N ARG C 193 -7.16 -4.08 36.12
CA ARG C 193 -5.88 -4.07 35.42
C ARG C 193 -5.64 -5.34 34.60
N ARG C 194 -6.25 -6.45 35.00
CA ARG C 194 -6.00 -7.72 34.32
C ARG C 194 -7.19 -8.15 33.46
N TRP C 195 -8.04 -7.18 33.12
CA TRP C 195 -9.10 -7.39 32.13
C TRP C 195 -8.51 -7.57 30.74
N THR C 196 -9.30 -8.22 29.87
CA THR C 196 -8.96 -8.33 28.46
C THR C 196 -10.22 -8.09 27.66
N ARG C 197 -10.12 -8.20 26.34
CA ARG C 197 -11.28 -8.01 25.47
C ARG C 197 -12.17 -9.26 25.43
N ARG C 198 -11.81 -10.28 26.21
CA ARG C 198 -12.56 -11.53 26.26
C ARG C 198 -13.22 -11.77 27.63
N THR C 199 -12.95 -10.87 28.58
CA THR C 199 -13.43 -11.03 29.95
C THR C 199 -14.95 -11.07 30.03
N VAL C 200 -15.49 -12.08 30.72
CA VAL C 200 -16.93 -12.15 31.01
C VAL C 200 -17.15 -12.09 32.52
N ILE C 201 -17.95 -11.11 32.95
CA ILE C 201 -18.21 -10.89 34.37
C ILE C 201 -19.69 -11.14 34.71
N ASP C 202 -19.99 -12.33 35.22
CA ASP C 202 -21.34 -12.68 35.63
C ASP C 202 -21.55 -12.32 37.10
N VAL C 203 -22.18 -11.18 37.34
CA VAL C 203 -22.37 -10.67 38.69
C VAL C 203 -23.32 -11.57 39.48
N ALA C 204 -24.25 -12.20 38.78
CA ALA C 204 -25.24 -13.07 39.41
C ALA C 204 -24.58 -14.29 40.08
N LYS C 205 -23.40 -14.67 39.60
CA LYS C 205 -22.71 -15.87 40.09
C LYS C 205 -21.42 -15.58 40.86
N GLY C 206 -21.05 -14.30 40.97
CA GLY C 206 -19.80 -13.91 41.60
C GLY C 206 -18.60 -14.58 40.94
N GLU C 207 -18.71 -14.78 39.63
CA GLU C 207 -17.73 -15.51 38.83
C GLU C 207 -17.22 -14.66 37.66
N VAL C 208 -15.94 -14.83 37.32
CA VAL C 208 -15.35 -14.25 36.13
C VAL C 208 -14.95 -15.37 35.18
N ARG C 209 -15.49 -15.37 33.96
CA ARG C 209 -15.15 -16.41 32.98
C ARG C 209 -14.76 -15.82 31.62
N LYS C 210 -14.42 -16.70 30.69
CA LYS C 210 -13.97 -16.31 29.36
C LYS C 210 -15.11 -16.43 28.35
N GLY C 211 -15.08 -15.56 27.33
CA GLY C 211 -16.14 -15.52 26.33
C GLY C 211 -15.63 -15.01 24.99
N GLU C 212 -16.57 -14.63 24.12
CA GLU C 212 -16.23 -14.21 22.78
C GLU C 212 -15.78 -12.74 22.76
N GLU C 213 -16.39 -11.94 23.64
CA GLU C 213 -16.02 -10.53 23.77
C GLU C 213 -16.16 -10.11 25.23
N PHE C 214 -15.81 -8.85 25.53
CA PHE C 214 -16.03 -8.31 26.86
C PHE C 214 -17.54 -8.26 27.14
N PHE C 215 -17.95 -8.88 28.23
CA PHE C 215 -19.37 -9.12 28.50
C PHE C 215 -19.68 -9.13 30.00
N VAL C 216 -20.25 -8.04 30.50
CA VAL C 216 -20.75 -8.00 31.87
C VAL C 216 -22.22 -8.39 31.85
N VAL C 217 -22.52 -9.59 32.33
CA VAL C 217 -23.88 -10.11 32.23
C VAL C 217 -24.78 -9.37 33.24
N ASP C 218 -25.96 -8.98 32.77
CA ASP C 218 -26.96 -8.31 33.60
C ASP C 218 -27.61 -9.36 34.52
N PRO C 219 -27.53 -9.17 35.85
CA PRO C 219 -28.19 -10.09 36.77
C PRO C 219 -29.68 -10.26 36.43
N VAL C 220 -30.28 -9.17 35.92
CA VAL C 220 -31.71 -9.12 35.63
C VAL C 220 -32.03 -9.79 34.30
N ASP C 221 -31.06 -9.86 33.40
CA ASP C 221 -31.23 -10.56 32.13
C ASP C 221 -29.90 -11.09 31.62
N GLU C 222 -29.72 -12.41 31.69
CA GLU C 222 -28.45 -13.03 31.32
C GLU C 222 -28.17 -12.98 29.81
N LYS C 223 -29.14 -12.48 29.05
CA LYS C 223 -28.95 -12.29 27.61
C LYS C 223 -28.38 -10.91 27.30
N ARG C 224 -28.59 -9.97 28.22
CA ARG C 224 -28.16 -8.58 28.02
C ARG C 224 -26.74 -8.33 28.52
N ASN C 225 -25.95 -7.61 27.72
CA ASN C 225 -24.62 -7.18 28.12
C ASN C 225 -24.67 -5.75 28.65
N VAL C 226 -24.43 -5.60 29.94
CA VAL C 226 -24.47 -4.29 30.58
C VAL C 226 -23.39 -3.39 29.99
N ALA C 227 -22.28 -4.01 29.60
CA ALA C 227 -21.16 -3.28 29.01
C ALA C 227 -21.17 -3.39 27.49
N ALA C 228 -22.35 -3.37 26.90
CA ALA C 228 -22.50 -3.58 25.45
C ALA C 228 -21.90 -2.44 24.63
N ASN C 229 -22.07 -1.20 25.10
CA ASN C 229 -21.67 -0.05 24.30
C ASN C 229 -20.31 0.50 24.70
N LEU C 230 -19.61 -0.21 25.57
CA LEU C 230 -18.24 0.16 25.90
C LEU C 230 -17.33 -0.20 24.73
N SER C 231 -16.82 0.81 24.04
CA SER C 231 -15.91 0.59 22.91
C SER C 231 -14.62 -0.05 23.40
N LEU C 232 -13.95 -0.77 22.50
CA LEU C 232 -12.72 -1.47 22.87
C LEU C 232 -11.63 -0.49 23.31
N ASP C 233 -11.62 0.68 22.68
CA ASP C 233 -10.62 1.70 22.99
C ASP C 233 -10.87 2.28 24.38
N ASN C 234 -12.13 2.52 24.71
CA ASN C 234 -12.48 3.05 26.02
C ASN C 234 -12.26 2.03 27.12
N LEU C 235 -12.46 0.75 26.79
CA LEU C 235 -12.12 -0.32 27.72
C LEU C 235 -10.63 -0.27 28.02
N ALA C 236 -9.83 -0.10 26.97
CA ALA C 236 -8.38 -0.03 27.13
C ALA C 236 -7.98 1.20 27.92
N ARG C 237 -8.55 2.36 27.59
CA ARG C 237 -8.23 3.60 28.29
C ARG C 237 -8.48 3.47 29.79
N PHE C 238 -9.46 2.65 30.15
CA PHE C 238 -9.76 2.43 31.56
C PHE C 238 -8.70 1.52 32.20
N VAL C 239 -8.44 0.38 31.57
CA VAL C 239 -7.44 -0.58 32.06
C VAL C 239 -6.08 0.09 32.23
N HIS C 240 -5.70 0.92 31.27
CA HIS C 240 -4.44 1.64 31.33
C HIS C 240 -4.43 2.63 32.50
N LEU C 241 -5.56 3.27 32.74
CA LEU C 241 -5.69 4.22 33.84
C LEU C 241 -5.55 3.52 35.19
N CYS C 242 -6.09 2.31 35.28
CA CYS C 242 -6.01 1.55 36.52
C CYS C 242 -4.55 1.22 36.83
N ARG C 243 -3.80 0.85 35.80
CA ARG C 243 -2.38 0.54 35.96
C ARG C 243 -1.58 1.81 36.28
N GLU C 244 -1.92 2.90 35.60
CA GLU C 244 -1.26 4.18 35.86
C GLU C 244 -1.54 4.63 37.29
N PHE C 245 -2.76 4.38 37.75
CA PHE C 245 -3.18 4.81 39.08
C PHE C 245 -2.55 3.97 40.19
N MET C 246 -2.55 2.65 40.02
CA MET C 246 -1.99 1.77 41.03
C MET C 246 -0.46 1.92 41.11
N GLU C 247 0.16 2.21 39.97
CA GLU C 247 1.61 2.42 39.91
C GLU C 247 2.00 3.73 40.57
N ALA C 248 1.08 4.70 40.55
CA ALA C 248 1.35 6.03 41.11
C ALA C 248 0.06 6.82 41.32
N PRO C 249 -0.65 6.55 42.43
CA PRO C 249 -1.91 7.23 42.74
C PRO C 249 -1.78 8.74 42.84
N SER C 250 -2.83 9.48 42.48
CA SER C 250 -2.81 10.93 42.55
C SER C 250 -4.22 11.50 42.60
N LEU C 251 -4.32 12.78 42.96
CA LEU C 251 -5.60 13.48 43.03
C LEU C 251 -6.07 13.92 41.65
N GLY C 252 -5.14 13.98 40.69
CA GLY C 252 -5.45 14.45 39.36
C GLY C 252 -6.34 13.52 38.55
N PHE C 253 -6.42 12.26 38.97
CA PHE C 253 -7.25 11.27 38.28
C PHE C 253 -8.75 11.58 38.38
N PHE C 254 -9.09 12.51 39.28
CA PHE C 254 -10.49 12.89 39.49
C PHE C 254 -10.75 14.32 39.01
N LYS C 255 -9.68 15.05 38.70
CA LYS C 255 -9.79 16.42 38.22
C LYS C 255 -10.10 16.47 36.71
N PRO C 256 -11.14 17.22 36.33
CA PRO C 256 -11.42 17.42 34.90
C PRO C 256 -10.22 18.04 34.20
N LYS C 257 -9.79 17.44 33.09
CA LYS C 257 -8.53 17.82 32.46
C LYS C 257 -8.61 19.13 31.70
N HIS C 258 -7.44 19.64 31.33
CA HIS C 258 -7.30 20.95 30.72
C HIS C 258 -8.18 21.13 29.48
N PRO C 259 -8.60 22.38 29.20
CA PRO C 259 -9.27 22.66 27.93
C PRO C 259 -8.33 22.49 26.73
N LEU C 260 -7.03 22.36 27.02
CA LEU C 260 -6.00 22.24 26.00
C LEU C 260 -5.99 23.48 25.11
N GLU C 261 -5.66 24.61 25.72
CA GLU C 261 -5.72 25.92 25.08
C GLU C 261 -4.49 26.20 24.21
N ILE C 262 -4.60 25.89 22.92
CA ILE C 262 -3.52 26.14 21.97
C ILE C 262 -3.92 27.23 20.96
N GLU C 263 -2.98 28.13 20.73
CA GLU C 263 -3.15 29.27 19.83
C GLU C 263 -3.31 28.86 18.38
N PRO C 264 -4.11 29.60 17.60
CA PRO C 264 -4.23 29.30 16.18
C PRO C 264 -2.90 29.47 15.43
N GLU C 265 -1.97 30.21 16.02
CA GLU C 265 -0.64 30.36 15.44
C GLU C 265 0.27 29.19 15.79
N ARG C 266 0.27 28.79 17.06
CA ARG C 266 1.09 27.67 17.52
C ARG C 266 0.69 26.39 16.80
N LEU C 267 -0.60 26.22 16.56
CA LEU C 267 -1.10 25.00 15.92
C LEU C 267 -0.61 24.92 14.49
N ARG C 268 -0.55 26.07 13.82
CA ARG C 268 -0.02 26.14 12.47
C ARG C 268 1.44 25.69 12.45
N LYS C 269 2.15 26.01 13.52
CA LYS C 269 3.54 25.63 13.68
C LYS C 269 3.67 24.13 13.87
N ILE C 270 2.73 23.55 14.60
CA ILE C 270 2.73 22.11 14.87
C ILE C 270 2.49 21.33 13.58
N VAL C 271 1.62 21.83 12.71
CA VAL C 271 1.29 21.12 11.48
C VAL C 271 2.45 21.15 10.48
N GLU C 272 3.17 22.25 10.40
CA GLU C 272 4.34 22.33 9.51
C GLU C 272 5.47 21.42 10.00
N GLU C 273 5.69 21.39 11.30
CA GLU C 273 6.72 20.54 11.90
C GLU C 273 6.44 19.07 11.59
N ARG C 274 5.17 18.76 11.33
CA ARG C 274 4.75 17.41 10.96
C ARG C 274 4.76 17.22 9.46
N GLY C 275 4.45 18.29 8.73
CA GLY C 275 4.42 18.27 7.27
C GLY C 275 3.26 17.46 6.72
N THR C 276 2.16 17.40 7.49
CA THR C 276 0.97 16.66 7.10
C THR C 276 -0.09 17.56 6.52
N ALA C 277 -1.01 16.97 5.75
CA ALA C 277 -2.18 17.67 5.26
C ALA C 277 -3.32 17.58 6.27
N VAL C 278 -3.63 18.70 6.92
CA VAL C 278 -4.70 18.76 7.92
C VAL C 278 -5.84 19.59 7.36
N PHE C 279 -6.99 18.95 7.17
CA PHE C 279 -8.16 19.62 6.59
C PHE C 279 -9.42 19.05 7.20
N ALA C 280 -10.54 19.75 6.96
CA ALA C 280 -11.81 19.38 7.58
C ALA C 280 -12.97 19.56 6.60
N VAL C 281 -13.99 18.72 6.74
CA VAL C 281 -15.21 18.85 5.95
C VAL C 281 -16.27 19.52 6.83
N LYS C 282 -16.73 20.70 6.40
CA LYS C 282 -17.67 21.51 7.18
C LYS C 282 -19.06 21.52 6.55
N PHE C 283 -20.08 21.26 7.37
CA PHE C 283 -21.47 21.27 6.92
C PHE C 283 -22.41 21.60 8.09
N ARG C 284 -23.65 21.95 7.76
CA ARG C 284 -24.64 22.27 8.78
C ARG C 284 -24.93 21.07 9.67
N LYS C 285 -24.98 21.31 10.97
CA LYS C 285 -25.34 20.26 11.90
C LYS C 285 -26.80 19.87 11.65
N PRO C 286 -27.06 18.59 11.35
CA PRO C 286 -28.46 18.18 11.21
C PRO C 286 -29.23 18.37 12.51
N ASP C 287 -30.48 18.83 12.45
CA ASP C 287 -31.24 19.05 13.66
C ASP C 287 -31.74 17.72 14.22
N ILE C 288 -30.83 16.95 14.81
CA ILE C 288 -31.16 15.65 15.38
C ILE C 288 -30.49 15.40 16.73
N VAL C 289 -30.97 14.39 17.43
CA VAL C 289 -30.46 14.04 18.76
C VAL C 289 -29.04 13.50 18.67
N ASP C 290 -28.25 13.74 19.71
CA ASP C 290 -26.85 13.33 19.73
C ASP C 290 -26.66 11.83 19.45
N ASP C 291 -27.61 11.03 19.92
CA ASP C 291 -27.49 9.58 19.80
C ASP C 291 -27.80 9.09 18.38
N ASN C 292 -28.32 9.98 17.55
CA ASN C 292 -28.48 9.70 16.12
C ASN C 292 -27.37 10.39 15.33
N LEU C 293 -26.92 11.54 15.82
CA LEU C 293 -25.91 12.32 15.11
C LEU C 293 -24.54 11.67 15.13
N TYR C 294 -24.06 11.33 16.31
CA TYR C 294 -22.66 10.93 16.46
C TYR C 294 -22.33 9.61 15.77
N PRO C 295 -23.23 8.62 15.88
CA PRO C 295 -23.00 7.39 15.11
C PRO C 295 -22.86 7.65 13.59
N GLN C 296 -23.51 8.70 13.10
CA GLN C 296 -23.41 9.04 11.68
C GLN C 296 -22.10 9.76 11.40
N LEU C 297 -21.66 10.60 12.34
CA LEU C 297 -20.37 11.28 12.23
C LEU C 297 -19.24 10.26 12.25
N GLU C 298 -19.39 9.23 13.06
CA GLU C 298 -18.44 8.13 13.09
C GLU C 298 -18.38 7.46 11.72
N ARG C 299 -19.56 7.20 11.13
CA ARG C 299 -19.65 6.52 9.85
C ARG C 299 -19.08 7.34 8.69
N ALA C 300 -19.51 8.59 8.60
CA ALA C 300 -19.04 9.49 7.54
C ALA C 300 -17.54 9.64 7.62
N SER C 301 -17.04 9.87 8.83
CA SER C 301 -15.62 10.04 9.06
C SER C 301 -14.85 8.79 8.63
N ARG C 302 -15.43 7.62 8.90
CA ARG C 302 -14.78 6.36 8.55
C ARG C 302 -14.76 6.18 7.03
N LYS C 303 -15.89 6.43 6.38
CA LYS C 303 -16.01 6.22 4.93
C LYS C 303 -15.03 7.11 4.18
N ILE C 304 -14.89 8.35 4.63
CA ILE C 304 -13.95 9.27 4.00
C ILE C 304 -12.53 8.81 4.29
N PHE C 305 -12.31 8.32 5.51
CA PHE C 305 -10.99 7.83 5.90
C PHE C 305 -10.60 6.65 5.01
N GLU C 306 -11.51 5.69 4.85
CA GLU C 306 -11.25 4.52 4.02
C GLU C 306 -10.96 4.93 2.59
N PHE C 307 -11.69 5.93 2.11
CA PHE C 307 -11.48 6.46 0.77
C PHE C 307 -10.07 7.01 0.63
N LEU C 308 -9.63 7.76 1.63
CA LEU C 308 -8.31 8.37 1.61
C LEU C 308 -7.19 7.35 1.54
N GLU C 309 -7.31 6.23 2.25
CA GLU C 309 -6.24 5.25 2.21
C GLU C 309 -6.19 4.55 0.85
N ARG C 310 -7.35 4.12 0.34
CA ARG C 310 -7.35 3.38 -0.92
C ARG C 310 -7.02 4.32 -2.09
N GLU C 311 -7.01 5.62 -1.83
CA GLU C 311 -6.60 6.59 -2.84
C GLU C 311 -5.14 7.01 -2.63
N ASN C 312 -4.47 6.34 -1.67
CA ASN C 312 -3.04 6.49 -1.41
C ASN C 312 -2.61 7.87 -0.90
N PHE C 313 -3.47 8.54 -0.16
CA PHE C 313 -3.10 9.78 0.53
C PHE C 313 -2.61 9.48 1.94
N MET C 314 -2.55 8.19 2.29
CA MET C 314 -1.97 7.73 3.56
C MET C 314 -2.46 8.52 4.77
N PRO C 315 -3.70 8.27 5.20
CA PRO C 315 -4.23 9.03 6.33
C PRO C 315 -3.66 8.52 7.65
N LEU C 316 -3.53 9.42 8.62
CA LEU C 316 -3.02 9.05 9.93
C LEU C 316 -4.19 8.76 10.87
N ARG C 317 -4.91 9.80 11.27
CA ARG C 317 -6.08 9.66 12.13
C ARG C 317 -7.24 10.54 11.65
N SER C 318 -8.43 10.24 12.15
CA SER C 318 -9.61 11.07 11.88
C SER C 318 -10.27 11.45 13.19
N ALA C 319 -11.09 12.50 13.13
CA ALA C 319 -11.77 13.01 14.32
C ALA C 319 -12.93 13.88 13.85
N PHE C 320 -13.82 14.23 14.78
CA PHE C 320 -14.93 15.11 14.45
C PHE C 320 -15.44 15.89 15.66
N LYS C 321 -16.11 17.00 15.37
CA LYS C 321 -16.74 17.83 16.40
C LYS C 321 -18.07 18.36 15.92
N ALA C 322 -19.00 18.52 16.85
CA ALA C 322 -20.31 19.09 16.57
C ALA C 322 -20.53 20.35 17.40
N SER C 323 -20.46 21.51 16.76
CA SER C 323 -20.81 22.76 17.42
C SER C 323 -22.32 22.95 17.35
N GLU C 324 -22.80 24.14 17.69
CA GLU C 324 -24.24 24.38 17.71
C GLU C 324 -24.82 24.43 16.31
N GLU C 325 -24.09 25.06 15.39
CA GLU C 325 -24.60 25.28 14.02
C GLU C 325 -23.94 24.35 13.00
N PHE C 326 -22.66 24.02 13.22
CA PHE C 326 -21.88 23.29 12.22
C PHE C 326 -21.26 22.00 12.75
N CYS C 327 -20.97 21.10 11.81
CA CYS C 327 -20.24 19.85 12.10
C CYS C 327 -18.93 19.80 11.32
N TYR C 328 -17.92 19.20 11.93
CA TYR C 328 -16.59 19.10 11.33
C TYR C 328 -16.09 17.67 11.31
N LEU C 329 -15.56 17.25 10.17
CA LEU C 329 -14.89 15.96 10.02
C LEU C 329 -13.43 16.24 9.77
N LEU C 330 -12.59 15.93 10.74
CA LEU C 330 -11.18 16.28 10.69
C LEU C 330 -10.33 15.12 10.17
N PHE C 331 -9.34 15.46 9.35
CA PHE C 331 -8.43 14.46 8.79
C PHE C 331 -7.01 15.00 8.74
N GLU C 332 -6.07 14.08 8.94
CA GLU C 332 -4.65 14.36 8.80
C GLU C 332 -4.03 13.30 7.88
N CYS C 333 -3.28 13.76 6.88
CA CYS C 333 -2.72 12.86 5.87
C CYS C 333 -1.22 13.04 5.67
N GLN C 334 -0.53 11.95 5.35
CA GLN C 334 0.91 11.97 5.14
C GLN C 334 1.26 12.52 3.76
N ILE C 335 0.31 12.46 2.83
CA ILE C 335 0.51 12.94 1.47
C ILE C 335 -0.25 14.25 1.23
N LYS C 336 0.49 15.35 1.15
CA LYS C 336 -0.10 16.66 0.89
C LYS C 336 -0.48 16.78 -0.58
N GLU C 337 0.28 16.08 -1.42
CA GLU C 337 0.04 16.10 -2.86
C GLU C 337 0.63 14.86 -3.51
N ILE C 338 -0.11 14.28 -4.46
CA ILE C 338 0.36 13.11 -5.21
C ILE C 338 0.39 13.43 -6.70
N SER C 339 1.18 12.67 -7.45
CA SER C 339 1.33 12.91 -8.88
C SER C 339 0.03 12.65 -9.62
N ARG C 340 -0.07 13.18 -10.83
CA ARG C 340 -1.27 13.00 -11.61
C ARG C 340 -1.29 11.60 -12.26
N VAL C 341 -0.12 11.10 -12.64
CA VAL C 341 -0.02 9.76 -13.24
C VAL C 341 0.05 8.64 -12.19
N PHE C 342 -0.59 7.53 -12.53
CA PHE C 342 -0.50 6.31 -11.73
C PHE C 342 -0.50 5.13 -12.68
N ARG C 343 -0.09 3.96 -12.19
CA ARG C 343 -0.04 2.78 -13.03
C ARG C 343 -1.21 1.86 -12.73
N ARG C 344 -2.01 1.64 -13.77
CA ARG C 344 -3.14 0.74 -13.71
C ARG C 344 -2.72 -0.61 -14.26
N MET C 345 -3.16 -1.67 -13.59
CA MET C 345 -2.77 -3.03 -13.94
C MET C 345 -3.57 -3.51 -15.14
N GLY C 346 -2.89 -4.20 -16.06
CA GLY C 346 -3.53 -4.79 -17.21
C GLY C 346 -3.56 -6.30 -17.13
N PRO C 347 -4.04 -6.97 -18.19
CA PRO C 347 -4.09 -8.42 -18.22
C PRO C 347 -2.73 -9.04 -18.53
N GLN C 348 -2.58 -10.34 -18.34
CA GLN C 348 -1.34 -11.01 -18.73
C GLN C 348 -1.26 -11.03 -20.25
N PHE C 349 -0.05 -11.14 -20.79
CA PHE C 349 0.15 -10.97 -22.22
C PHE C 349 -0.45 -12.09 -23.06
N GLU C 350 -0.86 -13.18 -22.41
CA GLU C 350 -1.38 -14.34 -23.13
C GLU C 350 -2.72 -14.06 -23.81
N ASP C 351 -3.79 -13.96 -23.04
CA ASP C 351 -5.13 -13.84 -23.61
C ASP C 351 -5.33 -12.49 -24.29
N GLU C 352 -5.15 -12.50 -25.61
CA GLU C 352 -5.18 -11.29 -26.42
C GLU C 352 -6.52 -10.60 -26.43
N ARG C 353 -7.59 -11.34 -26.16
CA ARG C 353 -8.93 -10.77 -26.20
C ARG C 353 -9.03 -9.62 -25.21
N ASN C 354 -8.47 -9.83 -24.02
CA ASN C 354 -8.45 -8.80 -22.99
C ASN C 354 -7.36 -7.75 -23.21
N VAL C 355 -6.22 -8.18 -23.75
CA VAL C 355 -5.13 -7.25 -24.03
C VAL C 355 -5.54 -6.23 -25.08
N LYS C 356 -6.26 -6.70 -26.11
CA LYS C 356 -6.69 -5.83 -27.19
C LYS C 356 -7.67 -4.78 -26.67
N LYS C 357 -8.53 -5.19 -25.75
CA LYS C 357 -9.45 -4.26 -25.10
C LYS C 357 -8.69 -3.25 -24.26
N PHE C 358 -7.63 -3.72 -23.59
CA PHE C 358 -6.83 -2.87 -22.71
C PHE C 358 -6.04 -1.83 -23.51
N LEU C 359 -5.49 -2.25 -24.64
CA LEU C 359 -4.67 -1.35 -25.45
C LEU C 359 -5.51 -0.46 -26.37
N SER C 360 -6.81 -0.75 -26.45
CA SER C 360 -7.70 0.05 -27.29
C SER C 360 -8.05 1.37 -26.61
N ARG C 361 -8.05 1.38 -25.28
CA ARG C 361 -8.39 2.57 -24.50
C ARG C 361 -7.48 3.74 -24.83
N ASN C 362 -8.09 4.89 -25.12
CA ASN C 362 -7.32 6.09 -25.42
C ASN C 362 -6.61 6.62 -24.17
N ARG C 363 -5.29 6.60 -24.19
CA ARG C 363 -4.48 7.13 -23.09
C ARG C 363 -3.41 8.06 -23.63
N ALA C 364 -2.96 8.98 -22.78
CA ALA C 364 -1.99 9.99 -23.18
C ALA C 364 -0.59 9.42 -23.35
N PHE C 365 -0.26 8.41 -22.53
CA PHE C 365 1.05 7.77 -22.58
C PHE C 365 0.95 6.32 -23.04
N ARG C 366 2.10 5.74 -23.42
CA ARG C 366 2.13 4.39 -23.98
C ARG C 366 2.11 3.34 -22.89
N PRO C 367 1.24 2.32 -23.03
CA PRO C 367 1.31 1.24 -22.05
C PRO C 367 2.61 0.45 -22.20
N PHE C 368 2.91 -0.43 -21.26
CA PHE C 368 4.17 -1.17 -21.26
C PHE C 368 4.02 -2.55 -20.61
N ILE C 369 5.00 -3.42 -20.82
CA ILE C 369 4.99 -4.75 -20.21
C ILE C 369 5.97 -4.82 -19.04
N GLU C 370 5.54 -5.47 -17.97
CA GLU C 370 6.37 -5.64 -16.79
C GLU C 370 6.06 -6.96 -16.09
N ASN C 371 7.07 -7.82 -15.99
CA ASN C 371 6.97 -9.10 -15.30
C ASN C 371 5.81 -9.94 -15.80
N GLY C 372 5.49 -9.82 -17.08
CA GLY C 372 4.56 -10.73 -17.72
C GLY C 372 3.15 -10.22 -17.90
N ARG C 373 2.88 -8.99 -17.49
CA ARG C 373 1.56 -8.42 -17.75
C ARG C 373 1.67 -6.95 -18.13
N TRP C 374 0.62 -6.45 -18.78
CA TRP C 374 0.61 -5.10 -19.28
C TRP C 374 0.28 -4.11 -18.18
N TRP C 375 0.76 -2.89 -18.34
CA TRP C 375 0.47 -1.80 -17.42
C TRP C 375 0.26 -0.52 -18.22
N ALA C 376 -0.54 0.39 -17.68
CA ALA C 376 -0.81 1.64 -18.36
C ALA C 376 -0.67 2.81 -17.39
N PHE C 377 -0.25 3.95 -17.93
CA PHE C 377 -0.26 5.19 -17.18
C PHE C 377 -1.58 5.89 -17.45
N GLU C 378 -2.31 6.18 -16.38
CA GLU C 378 -3.55 6.92 -16.48
C GLU C 378 -3.50 8.12 -15.54
N MET C 379 -4.32 9.14 -15.82
CA MET C 379 -4.28 10.38 -15.06
C MET C 379 -5.33 10.39 -13.94
N ARG C 380 -4.98 11.03 -12.83
CA ARG C 380 -5.92 11.23 -11.74
C ARG C 380 -6.81 12.41 -12.02
N LYS C 381 -7.95 12.45 -11.35
CA LYS C 381 -8.89 13.56 -11.48
C LYS C 381 -8.61 14.60 -10.38
N PHE C 382 -7.85 14.19 -9.38
CA PHE C 382 -7.47 15.06 -8.28
C PHE C 382 -6.07 14.70 -7.78
N THR C 383 -5.35 15.69 -7.25
CA THR C 383 -3.95 15.48 -6.88
C THR C 383 -3.69 15.83 -5.42
N THR C 384 -4.72 16.16 -4.67
CA THR C 384 -4.57 16.45 -3.25
C THR C 384 -5.69 15.80 -2.45
N PRO C 385 -5.43 15.53 -1.17
CA PRO C 385 -6.47 14.93 -0.31
C PRO C 385 -7.71 15.81 -0.25
N GLU C 386 -7.52 17.10 -0.10
CA GLU C 386 -8.64 18.03 0.00
C GLU C 386 -9.55 17.91 -1.22
N GLU C 387 -8.95 17.93 -2.40
CA GLU C 387 -9.71 17.80 -3.65
C GLU C 387 -10.34 16.42 -3.79
N GLY C 388 -9.66 15.40 -3.27
CA GLY C 388 -10.14 14.04 -3.38
C GLY C 388 -11.36 13.78 -2.51
N VAL C 389 -11.34 14.27 -1.28
CA VAL C 389 -12.46 14.10 -0.37
C VAL C 389 -13.67 14.85 -0.87
N ARG C 390 -13.46 16.04 -1.43
CA ARG C 390 -14.54 16.82 -2.00
C ARG C 390 -15.24 16.07 -3.13
N SER C 391 -14.47 15.41 -3.99
CA SER C 391 -15.04 14.61 -5.07
C SER C 391 -15.86 13.49 -4.46
N TYR C 392 -15.29 12.82 -3.47
CA TYR C 392 -15.95 11.70 -2.82
C TYR C 392 -17.24 12.13 -2.13
N ALA C 393 -17.16 13.22 -1.39
CA ALA C 393 -18.31 13.71 -0.62
C ALA C 393 -19.42 14.20 -1.55
N SER C 394 -19.05 14.59 -2.76
CA SER C 394 -20.01 15.06 -3.74
C SER C 394 -20.77 13.89 -4.34
N THR C 395 -20.03 12.85 -4.75
CA THR C 395 -20.65 11.73 -5.43
C THR C 395 -21.30 10.78 -4.42
N HIS C 396 -20.56 10.42 -3.38
CA HIS C 396 -21.01 9.43 -2.40
C HIS C 396 -21.59 10.11 -1.16
N TRP C 397 -22.36 11.17 -1.36
CA TRP C 397 -22.97 11.88 -0.24
C TRP C 397 -23.92 10.97 0.53
N HIS C 398 -24.52 10.01 -0.16
CA HIS C 398 -25.60 9.19 0.39
C HIS C 398 -25.12 8.14 1.40
N THR C 399 -23.88 7.69 1.27
CA THR C 399 -23.39 6.60 2.11
C THR C 399 -22.77 7.10 3.42
N LEU C 400 -22.80 8.42 3.62
CA LEU C 400 -22.16 9.05 4.78
C LEU C 400 -23.11 9.23 5.96
N GLY C 401 -24.03 8.29 6.14
CA GLY C 401 -25.02 8.39 7.19
C GLY C 401 -26.28 9.11 6.69
N LYS C 402 -27.43 8.71 7.21
CA LYS C 402 -28.72 9.21 6.73
C LYS C 402 -28.83 10.74 6.70
N ASN C 403 -28.72 11.37 7.87
CA ASN C 403 -28.93 12.81 7.98
C ASN C 403 -27.69 13.63 7.62
N VAL C 404 -26.52 13.14 8.02
CA VAL C 404 -25.26 13.80 7.74
C VAL C 404 -25.04 13.87 6.23
N GLY C 405 -25.33 12.77 5.55
CA GLY C 405 -25.12 12.66 4.12
C GLY C 405 -25.98 13.63 3.33
N GLU C 406 -27.19 13.88 3.79
CA GLU C 406 -28.09 14.80 3.11
C GLU C 406 -27.69 16.26 3.34
N SER C 407 -27.05 16.53 4.47
CA SER C 407 -26.56 17.87 4.76
C SER C 407 -25.31 18.18 3.95
N ILE C 408 -24.50 17.15 3.73
CA ILE C 408 -23.30 17.31 2.92
C ILE C 408 -23.72 17.53 1.48
N ARG C 409 -24.79 16.86 1.05
CA ARG C 409 -25.30 17.02 -0.31
C ARG C 409 -25.76 18.45 -0.56
N GLU C 410 -26.51 19.03 0.37
CA GLU C 410 -27.05 20.37 0.18
C GLU C 410 -25.93 21.40 0.15
N TYR C 411 -24.90 21.19 0.96
CA TYR C 411 -23.72 22.05 0.96
C TYR C 411 -22.65 21.58 1.94
N PHE C 412 -21.40 21.69 1.51
CA PHE C 412 -20.25 21.48 2.38
C PHE C 412 -19.06 22.22 1.79
N GLU C 413 -18.02 22.40 2.60
CA GLU C 413 -16.80 23.03 2.13
C GLU C 413 -15.59 22.46 2.86
N ILE C 414 -14.46 22.37 2.15
CA ILE C 414 -13.23 21.83 2.72
C ILE C 414 -12.36 22.97 3.26
N ILE C 415 -12.20 23.02 4.58
CA ILE C 415 -11.41 24.08 5.22
C ILE C 415 -10.00 23.59 5.55
N SER C 416 -9.02 24.37 5.12
CA SER C 416 -7.61 24.03 5.28
C SER C 416 -6.82 25.27 5.69
N GLY C 417 -5.58 25.05 6.11
CA GLY C 417 -4.69 26.15 6.41
C GLY C 417 -5.17 27.01 7.56
N GLU C 418 -4.93 28.32 7.43
CA GLU C 418 -5.23 29.28 8.49
C GLU C 418 -6.72 29.33 8.80
N LYS C 419 -7.55 29.16 7.76
CA LYS C 419 -9.00 29.21 7.92
C LYS C 419 -9.53 28.06 8.78
N LEU C 420 -8.76 26.99 8.88
CA LEU C 420 -9.14 25.83 9.69
C LEU C 420 -8.87 26.03 11.17
N PHE C 421 -7.76 26.71 11.48
CA PHE C 421 -7.36 26.90 12.87
C PHE C 421 -8.24 27.93 13.58
N LYS C 422 -8.99 28.70 12.79
CA LYS C 422 -9.91 29.69 13.33
C LYS C 422 -11.28 29.08 13.63
N GLU C 423 -11.47 27.82 13.27
CA GLU C 423 -12.72 27.12 13.54
C GLU C 423 -12.67 26.49 14.93
N PRO C 424 -13.84 26.13 15.49
CA PRO C 424 -13.90 25.57 16.85
C PRO C 424 -13.43 24.13 17.00
N VAL C 425 -12.29 23.77 16.42
CA VAL C 425 -11.83 22.38 16.39
C VAL C 425 -10.42 22.23 16.98
N THR C 426 -9.97 23.27 17.66
CA THR C 426 -8.61 23.30 18.20
C THR C 426 -8.32 22.14 19.16
N ALA C 427 -9.21 21.94 20.11
CA ALA C 427 -9.06 20.87 21.09
C ALA C 427 -9.00 19.50 20.41
N GLU C 428 -9.87 19.30 19.45
CA GLU C 428 -9.99 18.03 18.73
C GLU C 428 -8.74 17.72 17.91
N LEU C 429 -8.13 18.75 17.33
CA LEU C 429 -6.92 18.57 16.53
C LEU C 429 -5.74 18.16 17.40
N CYS C 430 -5.58 18.84 18.53
CA CYS C 430 -4.46 18.57 19.44
C CYS C 430 -4.57 17.19 20.05
N GLU C 431 -5.81 16.77 20.33
CA GLU C 431 -6.08 15.43 20.82
C GLU C 431 -5.74 14.42 19.72
N MET C 432 -6.15 14.74 18.49
CA MET C 432 -5.96 13.86 17.35
C MET C 432 -4.49 13.64 17.06
N MET C 433 -3.73 14.73 17.05
CA MET C 433 -2.32 14.71 16.65
C MET C 433 -1.43 14.28 17.82
N GLY C 434 -2.00 14.24 19.02
CA GLY C 434 -1.27 13.82 20.20
C GLY C 434 -0.37 14.91 20.76
N VAL C 435 -0.71 16.17 20.50
CA VAL C 435 0.04 17.28 21.06
C VAL C 435 -0.08 17.26 22.59
N LYS C 436 1.07 17.34 23.27
CA LYS C 436 1.11 17.38 24.73
C LYS C 436 1.57 18.75 25.24
N ASP C 437 1.06 19.15 26.40
CA ASP C 437 1.51 20.37 27.08
C ASP C 437 0.87 20.44 28.47
#